data_8SGN
#
_entry.id   8SGN
#
_cell.length_a   139.148
_cell.length_b   139.148
_cell.length_c   172.337
_cell.angle_alpha   90.00
_cell.angle_beta   90.00
_cell.angle_gamma   120.00
#
_symmetry.space_group_name_H-M   'H 3'
#
loop_
_entity.id
_entity.type
_entity.pdbx_description
1 polymer 'Cy651H02 Fab light chain'
2 polymer 'Cy651H02 Fab heavy chain'
3 polymer 'Envelope glycoprotein gp350'
4 branched alpha-L-fucopyranose-(1-6)-2-acetamido-2-deoxy-beta-D-glucopyranose
5 non-polymer 1,2-ETHANEDIOL
6 non-polymer 2-AMINO-2-HYDROXYMETHYL-PROPANE-1,3-DIOL
7 non-polymer 2-acetamido-2-deoxy-beta-D-glucopyranose
8 water water
#
loop_
_entity_poly.entity_id
_entity_poly.type
_entity_poly.pdbx_seq_one_letter_code
_entity_poly.pdbx_strand_id
1 'polypeptide(L)'
;QAALTQPPSVSGSPGQSVTISCTGTSSDIGGYNYVSWYQQHPGKAPKVMIYEVSKRPSGVSDRFSGSKSGNIASLTISGL
QAEDEADYYCSSYAGSNTFLFGGGTRLTVLGQPKAAPSVTLFPPSSEELQANKATLVCLISDFYPGAVEVAWKADGSAVN
AGVETTKPSKQSNNKYAASSYLSLTSDQWKSHKSYSCQVTHEGSTVEKTVAPAE
;
L
2 'polypeptide(L)'
;QLQLQESGPGVVKPSETLSLTCTISGGSFSTYYWTWIRQPPGKGLEWVGYIGNGGRSLNYNPSLKSRITLSVDASKNQFS
LKVTSVTAADTAVYYCGRARGLRGNWFDVWGPGVLVTVSSASTKGPSVFPLAPSSRSTSESTAALGCLVKDYFPEPVTVS
WNSGSLTSGVHTFPAVLQSSGLYSLSSVVTVPSSSLGTQTYVCNVNHKPSNTKVDKRVEIKTC
;
H
3 'polypeptide(L)'
;MEAALLVCQYTIQSLIHLTGEDPGFFNVEIPEFPFYPTCNVCTADVNVTINFDVGGKKHQLDLDFGQLTPHTKAVYQPRG
AFGGSENATNLFLLELLGAGELALTMRSKKLPINVTTGEEQQVSLESVDVYFQDVFGTMWCHHAEMQNPVYLIPETVPYI
KWDNCNSTNITAVVRAQGLDVTLPLSLPTSAQDSNFSVKTEMLGNEIDIECIMEDGEISQVLPGDNKFNITCSGYESHVP
SGGILTSTSPVATPIPGTGYAYSLRLTPRPVSRFLGNNSILYVFYSGNGPKASGGDYCIQSNIVFSDEIPASQDMPTNTT
DITYVGDNATYSVPMVTSEDANSPNVTVTAFWAWPNNTETDFKCKWTLTSGTPSGCENISGAFASNRTFDITVSGLGTAP
KTLIITRTATNATTTTHKVIFSKAPHHHHHH
;
G
#
loop_
_chem_comp.id
_chem_comp.type
_chem_comp.name
_chem_comp.formula
EDO non-polymer 1,2-ETHANEDIOL 'C2 H6 O2'
FUC L-saccharide, alpha linking alpha-L-fucopyranose 'C6 H12 O5'
NAG D-saccharide, beta linking 2-acetamido-2-deoxy-beta-D-glucopyranose 'C8 H15 N O6'
TRS non-polymer 2-AMINO-2-HYDROXYMETHYL-PROPANE-1,3-DIOL 'C4 H12 N O3 1'
#
# COMPACT_ATOMS: atom_id res chain seq x y z
N GLN A 1 -1.87 -12.12 -20.82
CA GLN A 1 -1.88 -11.43 -19.53
C GLN A 1 -3.05 -10.44 -19.45
N ALA A 2 -4.11 -10.82 -18.74
CA ALA A 2 -5.20 -9.90 -18.47
C ALA A 2 -4.69 -8.74 -17.60
N ALA A 3 -4.97 -7.52 -18.04
CA ALA A 3 -4.25 -6.37 -17.51
C ALA A 3 -5.13 -5.14 -17.47
N LEU A 4 -4.66 -4.14 -16.72
CA LEU A 4 -5.21 -2.79 -16.75
C LEU A 4 -4.55 -2.01 -17.89
N THR A 5 -5.16 -0.89 -18.25
CA THR A 5 -4.79 -0.15 -19.46
C THR A 5 -3.94 1.06 -19.12
N GLN A 6 -2.71 1.08 -19.63
CA GLN A 6 -1.80 2.21 -19.55
C GLN A 6 -1.32 2.59 -20.94
N PRO A 7 -0.99 3.85 -21.18
CA PRO A 7 -0.38 4.23 -22.46
C PRO A 7 0.96 3.56 -22.63
N PRO A 8 1.31 3.14 -23.85
CA PRO A 8 2.60 2.46 -24.06
C PRO A 8 3.83 3.32 -23.74
N SER A 9 3.74 4.64 -23.86
CA SER A 9 4.91 5.46 -23.57
C SER A 9 4.51 6.90 -23.29
N VAL A 10 5.33 7.56 -22.46
CA VAL A 10 5.24 9.00 -22.21
C VAL A 10 6.67 9.55 -22.24
N SER A 11 6.77 10.87 -22.38
CA SER A 11 8.07 11.51 -22.44
C SER A 11 8.02 12.88 -21.76
N GLY A 12 9.19 13.34 -21.34
CA GLY A 12 9.30 14.66 -20.73
C GLY A 12 10.73 15.13 -20.73
N SER A 13 10.90 16.43 -20.53
CA SER A 13 12.20 17.07 -20.40
C SER A 13 12.58 17.19 -18.94
N PRO A 14 13.87 17.27 -18.63
CA PRO A 14 14.28 17.41 -17.23
C PRO A 14 13.66 18.66 -16.60
N GLY A 15 13.16 18.49 -15.37
CA GLY A 15 12.51 19.56 -14.65
C GLY A 15 11.01 19.64 -14.88
N GLN A 16 10.47 18.87 -15.82
CA GLN A 16 9.05 18.90 -16.11
C GLN A 16 8.29 17.90 -15.26
N SER A 17 6.96 17.96 -15.35
CA SER A 17 6.08 17.03 -14.67
C SER A 17 5.42 16.12 -15.71
N VAL A 18 5.44 14.82 -15.43
CA VAL A 18 4.90 13.80 -16.34
C VAL A 18 3.88 12.98 -15.59
N THR A 19 2.74 12.69 -16.24
CA THR A 19 1.65 11.97 -15.62
C THR A 19 1.33 10.72 -16.44
N ILE A 20 1.23 9.58 -15.76
CA ILE A 20 0.92 8.30 -16.36
C ILE A 20 -0.44 7.83 -15.87
N SER A 21 -1.34 7.53 -16.79
CA SER A 21 -2.67 7.08 -16.44
C SER A 21 -2.75 5.56 -16.39
N CYS A 22 -3.77 5.07 -15.69
CA CYS A 22 -4.02 3.64 -15.55
C CYS A 22 -5.51 3.45 -15.36
N THR A 23 -6.17 2.82 -16.34
CA THR A 23 -7.62 2.74 -16.41
C THR A 23 -8.07 1.33 -16.09
N GLY A 24 -8.95 1.21 -15.09
CA GLY A 24 -9.52 -0.05 -14.67
C GLY A 24 -11.04 0.01 -14.69
N THR A 25 -11.65 -0.78 -13.82
CA THR A 25 -13.10 -0.88 -13.73
C THR A 25 -13.54 -0.65 -12.28
N SER A 26 -14.86 -0.60 -12.09
CA SER A 26 -15.43 -0.45 -10.76
C SER A 26 -15.19 -1.66 -9.87
N SER A 27 -14.66 -2.74 -10.47
CA SER A 27 -14.40 -4.00 -9.73
C SER A 27 -12.94 -4.09 -9.27
N ASP A 28 -12.05 -3.26 -9.83
CA ASP A 28 -10.66 -3.24 -9.36
C ASP A 28 -10.22 -1.86 -8.91
N ILE A 29 -10.12 -0.87 -9.80
CA ILE A 29 -9.51 0.40 -9.43
C ILE A 29 -10.52 1.30 -8.73
N GLY A 30 -11.73 1.39 -9.26
CA GLY A 30 -12.75 2.18 -8.60
C GLY A 30 -13.45 1.50 -7.45
N GLY A 31 -13.13 0.23 -7.17
CA GLY A 31 -13.81 -0.48 -6.11
C GLY A 31 -13.01 -0.60 -4.83
N TYR A 32 -11.73 -0.22 -4.87
CA TYR A 32 -10.86 -0.37 -3.71
C TYR A 32 -9.87 0.79 -3.70
N ASN A 33 -9.12 0.87 -2.60
CA ASN A 33 -8.04 1.85 -2.48
C ASN A 33 -6.70 1.12 -2.40
N TYR A 34 -6.50 0.15 -3.28
CA TYR A 34 -5.30 -0.68 -3.30
C TYR A 34 -4.55 -0.55 -4.61
N VAL A 35 -4.31 0.67 -5.07
CA VAL A 35 -3.55 0.90 -6.29
C VAL A 35 -2.08 1.11 -5.93
N SER A 36 -1.20 0.35 -6.59
CA SER A 36 0.24 0.50 -6.43
C SER A 36 0.89 0.88 -7.77
N TRP A 37 2.05 1.51 -7.69
CA TRP A 37 2.83 1.87 -8.86
C TRP A 37 4.26 1.35 -8.67
N TYR A 38 4.84 0.84 -9.76
CA TYR A 38 6.15 0.20 -9.69
C TYR A 38 7.08 0.83 -10.73
N GLN A 39 8.33 1.00 -10.35
CA GLN A 39 9.39 1.46 -11.24
C GLN A 39 10.32 0.30 -11.55
N GLN A 40 10.62 0.08 -12.83
CA GLN A 40 11.53 -1.00 -13.20
C GLN A 40 12.60 -0.47 -14.15
N HIS A 41 13.85 -0.52 -13.70
CA HIS A 41 15.04 -0.22 -14.51
C HIS A 41 15.51 -1.48 -15.22
N PRO A 42 16.25 -1.34 -16.32
CA PRO A 42 16.63 -2.52 -17.11
C PRO A 42 17.42 -3.53 -16.29
N GLY A 43 17.00 -4.80 -16.36
CA GLY A 43 17.68 -5.88 -15.69
C GLY A 43 17.47 -5.98 -14.20
N LYS A 44 16.53 -5.22 -13.64
CA LYS A 44 16.31 -5.19 -12.20
C LYS A 44 14.86 -5.55 -11.89
N ALA A 45 14.64 -5.93 -10.63
CA ALA A 45 13.29 -6.18 -10.17
C ALA A 45 12.51 -4.88 -10.04
N PRO A 46 11.19 -4.94 -10.14
CA PRO A 46 10.39 -3.73 -9.93
C PRO A 46 10.53 -3.21 -8.51
N LYS A 47 10.39 -1.90 -8.36
CA LYS A 47 10.48 -1.22 -7.08
C LYS A 47 9.22 -0.41 -6.86
N VAL A 48 8.61 -0.55 -5.69
CA VAL A 48 7.37 0.15 -5.39
C VAL A 48 7.66 1.63 -5.17
N MET A 49 6.95 2.48 -5.91
CA MET A 49 6.97 3.92 -5.73
C MET A 49 5.78 4.41 -4.90
N ILE A 50 4.62 3.81 -5.11
CA ILE A 50 3.36 4.21 -4.49
C ILE A 50 2.59 2.95 -4.13
N TYR A 51 1.96 2.95 -2.97
CA TYR A 51 0.98 1.92 -2.63
C TYR A 51 -0.25 2.59 -2.03
N GLU A 52 -1.36 1.86 -2.06
CA GLU A 52 -2.65 2.35 -1.58
C GLU A 52 -2.97 3.73 -2.17
N VAL A 53 -2.88 3.81 -3.50
CA VAL A 53 -3.26 4.97 -4.30
C VAL A 53 -2.23 6.09 -4.20
N SER A 54 -1.87 6.48 -2.98
CA SER A 54 -1.09 7.70 -2.82
C SER A 54 -0.03 7.64 -1.72
N LYS A 55 0.21 6.48 -1.11
CA LYS A 55 1.14 6.40 0.00
C LYS A 55 2.53 6.01 -0.51
N ARG A 56 3.54 6.74 -0.05
CA ARG A 56 4.92 6.51 -0.54
C ARG A 56 5.74 5.75 0.49
N PRO A 57 6.38 4.63 0.13
CA PRO A 57 7.29 3.93 1.04
C PRO A 57 8.40 4.86 1.49
N SER A 58 9.07 4.48 2.57
CA SER A 58 10.20 5.25 3.04
C SER A 58 11.32 5.18 2.02
N GLY A 59 11.95 6.33 1.76
CA GLY A 59 13.10 6.40 0.88
C GLY A 59 12.80 6.89 -0.53
N VAL A 60 11.54 6.86 -0.96
CA VAL A 60 11.20 7.35 -2.30
C VAL A 60 10.77 8.80 -2.21
N SER A 61 11.37 9.65 -3.05
CA SER A 61 11.18 11.08 -2.92
C SER A 61 9.72 11.48 -3.15
N ASP A 62 9.34 12.63 -2.61
CA ASP A 62 7.99 13.15 -2.83
C ASP A 62 7.81 13.73 -4.22
N ARG A 63 8.78 13.58 -5.12
CA ARG A 63 8.55 13.87 -6.53
C ARG A 63 7.53 12.91 -7.14
N PHE A 64 7.29 11.77 -6.49
CA PHE A 64 6.34 10.76 -6.96
C PHE A 64 5.07 10.85 -6.15
N SER A 65 3.94 11.05 -6.82
CA SER A 65 2.65 11.10 -6.15
C SER A 65 1.63 10.34 -6.97
N GLY A 66 0.64 9.77 -6.29
CA GLY A 66 -0.42 9.03 -6.94
C GLY A 66 -1.77 9.59 -6.55
N SER A 67 -2.74 9.45 -7.45
CA SER A 67 -4.10 9.87 -7.18
C SER A 67 -5.05 8.95 -7.93
N LYS A 68 -6.34 9.11 -7.67
CA LYS A 68 -7.36 8.30 -8.30
C LYS A 68 -8.63 9.12 -8.45
N SER A 69 -9.35 8.89 -9.55
CA SER A 69 -10.66 9.51 -9.75
C SER A 69 -11.48 8.57 -10.62
N GLY A 70 -12.58 8.07 -10.08
CA GLY A 70 -13.36 7.09 -10.82
C GLY A 70 -12.57 5.80 -10.96
N ASN A 71 -12.49 5.29 -12.18
CA ASN A 71 -11.77 4.06 -12.47
C ASN A 71 -10.38 4.33 -13.03
N ILE A 72 -9.89 5.56 -12.91
CA ILE A 72 -8.61 5.97 -13.50
C ILE A 72 -7.69 6.37 -12.37
N ALA A 73 -6.53 5.72 -12.30
CA ALA A 73 -5.47 6.08 -11.37
C ALA A 73 -4.33 6.77 -12.14
N SER A 74 -3.63 7.66 -11.46
CA SER A 74 -2.56 8.42 -12.10
C SER A 74 -1.33 8.48 -11.21
N LEU A 75 -0.16 8.30 -11.83
CA LEU A 75 1.12 8.58 -11.20
C LEU A 75 1.70 9.84 -11.82
N THR A 76 2.13 10.77 -10.98
CA THR A 76 2.75 12.01 -11.42
C THR A 76 4.17 12.08 -10.90
N ILE A 77 5.12 12.37 -11.81
CA ILE A 77 6.52 12.59 -11.47
C ILE A 77 6.84 14.04 -11.79
N SER A 78 7.13 14.83 -10.77
CA SER A 78 7.56 16.21 -10.97
C SER A 78 9.07 16.30 -10.85
N GLY A 79 9.63 17.40 -11.37
CA GLY A 79 11.06 17.60 -11.32
C GLY A 79 11.83 16.49 -12.01
N LEU A 80 11.40 16.15 -13.22
CA LEU A 80 11.89 14.96 -13.89
C LEU A 80 13.41 14.97 -14.02
N GLN A 81 14.02 13.82 -13.74
CA GLN A 81 15.46 13.63 -13.82
C GLN A 81 15.77 12.48 -14.76
N ALA A 82 16.98 12.50 -15.33
CA ALA A 82 17.39 11.44 -16.25
C ALA A 82 17.34 10.07 -15.57
N GLU A 83 17.51 10.04 -14.25
CA GLU A 83 17.41 8.80 -13.49
C GLU A 83 16.00 8.21 -13.53
N ASP A 84 14.99 9.01 -13.89
CA ASP A 84 13.61 8.54 -13.88
C ASP A 84 13.26 7.69 -15.09
N GLU A 85 14.12 7.67 -16.12
CA GLU A 85 13.88 6.81 -17.28
C GLU A 85 13.76 5.36 -16.84
N ALA A 86 12.60 4.77 -17.10
CA ALA A 86 12.30 3.40 -16.69
C ALA A 86 10.94 3.00 -17.23
N ASP A 87 10.52 1.76 -16.95
CA ASP A 87 9.15 1.32 -17.19
C ASP A 87 8.34 1.47 -15.90
N TYR A 88 7.09 1.86 -16.03
CA TYR A 88 6.22 2.06 -14.88
C TYR A 88 4.97 1.22 -15.03
N TYR A 89 4.63 0.47 -13.98
CA TYR A 89 3.48 -0.41 -13.96
C TYR A 89 2.54 0.00 -12.83
N CYS A 90 1.24 0.03 -13.12
CA CYS A 90 0.23 0.12 -12.09
C CYS A 90 -0.27 -1.28 -11.75
N SER A 91 -0.79 -1.42 -10.53
CA SER A 91 -1.46 -2.64 -10.11
C SER A 91 -2.62 -2.27 -9.21
N SER A 92 -3.62 -3.14 -9.15
CA SER A 92 -4.73 -2.91 -8.25
C SER A 92 -5.29 -4.23 -7.78
N TYR A 93 -5.84 -4.20 -6.56
CA TYR A 93 -6.68 -5.28 -6.07
C TYR A 93 -7.89 -5.45 -6.99
N ALA A 94 -8.36 -6.69 -7.11
CA ALA A 94 -9.51 -6.97 -7.97
C ALA A 94 -10.54 -7.83 -7.24
N GLY A 95 -10.48 -7.92 -5.93
CA GLY A 95 -11.48 -8.69 -5.19
C GLY A 95 -11.07 -10.14 -5.03
N SER A 96 -11.54 -10.74 -3.93
CA SER A 96 -11.30 -12.15 -3.63
C SER A 96 -9.81 -12.49 -3.62
N ASN A 97 -9.01 -11.59 -3.07
CA ASN A 97 -7.57 -11.78 -2.92
C ASN A 97 -6.89 -12.04 -4.27
N THR A 98 -7.16 -11.17 -5.24
CA THR A 98 -6.50 -11.24 -6.54
C THR A 98 -6.01 -9.85 -6.92
N PHE A 99 -4.99 -9.82 -7.78
CA PHE A 99 -4.36 -8.57 -8.21
C PHE A 99 -4.18 -8.57 -9.72
N LEU A 100 -4.36 -7.39 -10.32
CA LEU A 100 -4.12 -7.17 -11.74
C LEU A 100 -3.03 -6.12 -11.92
N PHE A 101 -2.22 -6.29 -12.95
CA PHE A 101 -1.18 -5.32 -13.30
C PHE A 101 -1.57 -4.58 -14.58
N GLY A 102 -1.07 -3.36 -14.70
CA GLY A 102 -1.19 -2.67 -15.97
C GLY A 102 -0.22 -3.21 -16.99
N GLY A 103 -0.38 -2.73 -18.22
CA GLY A 103 0.50 -3.19 -19.29
C GLY A 103 1.89 -2.58 -19.25
N GLY A 104 2.07 -1.51 -18.50
CA GLY A 104 3.36 -0.86 -18.41
C GLY A 104 3.47 0.34 -19.34
N THR A 105 4.23 1.34 -18.89
CA THR A 105 4.49 2.55 -19.65
C THR A 105 5.98 2.83 -19.64
N ARG A 106 6.57 2.99 -20.83
CA ARG A 106 7.99 3.31 -20.95
C ARG A 106 8.16 4.82 -20.94
N LEU A 107 8.92 5.33 -19.98
CA LEU A 107 9.16 6.76 -19.85
C LEU A 107 10.50 7.12 -20.50
N THR A 108 10.48 8.13 -21.36
CA THR A 108 11.68 8.66 -21.99
C THR A 108 11.94 10.07 -21.49
N VAL A 109 13.16 10.35 -21.09
CA VAL A 109 13.60 11.70 -20.74
C VAL A 109 14.30 12.29 -21.96
N LEU A 110 13.80 13.43 -22.43
CA LEU A 110 14.26 14.04 -23.68
C LEU A 110 15.44 14.97 -23.43
N GLY A 111 16.20 15.22 -24.49
CA GLY A 111 17.31 16.15 -24.44
C GLY A 111 18.60 15.61 -23.89
N GLN A 112 18.71 14.29 -23.74
CA GLN A 112 19.94 13.72 -23.21
C GLN A 112 21.06 13.82 -24.24
N PRO A 113 22.29 14.07 -23.81
CA PRO A 113 23.37 14.34 -24.76
C PRO A 113 23.74 13.13 -25.60
N LYS A 114 24.17 13.41 -26.83
CA LYS A 114 24.72 12.39 -27.69
C LYS A 114 26.02 11.85 -27.12
N ALA A 115 26.24 10.55 -27.28
CA ALA A 115 27.45 9.91 -26.76
C ALA A 115 28.01 8.96 -27.81
N ALA A 116 29.29 9.13 -28.13
CA ALA A 116 29.95 8.24 -29.06
C ALA A 116 30.25 6.90 -28.41
N PRO A 117 30.18 5.82 -29.18
CA PRO A 117 30.46 4.48 -28.62
C PRO A 117 31.92 4.29 -28.27
N SER A 118 32.15 3.45 -27.28
CA SER A 118 33.49 2.96 -26.94
C SER A 118 33.62 1.54 -27.48
N VAL A 119 34.66 1.32 -28.30
CA VAL A 119 34.82 0.07 -29.04
C VAL A 119 36.07 -0.64 -28.56
N THR A 120 35.91 -1.92 -28.21
CA THR A 120 37.02 -2.80 -27.86
C THR A 120 36.95 -4.03 -28.74
N LEU A 121 38.07 -4.39 -29.36
CA LEU A 121 38.15 -5.56 -30.24
C LEU A 121 39.14 -6.55 -29.65
N PHE A 122 38.70 -7.79 -29.50
CA PHE A 122 39.56 -8.83 -28.97
C PHE A 122 39.92 -9.83 -30.07
N PRO A 123 41.17 -10.27 -30.12
CA PRO A 123 41.54 -11.34 -31.04
C PRO A 123 41.24 -12.69 -30.43
N PRO A 124 41.28 -13.77 -31.21
CA PRO A 124 41.05 -15.10 -30.63
C PRO A 124 42.07 -15.44 -29.57
N SER A 125 41.63 -16.17 -28.56
CA SER A 125 42.53 -16.64 -27.52
C SER A 125 43.35 -17.84 -27.98
N SER A 126 44.48 -18.06 -27.29
CA SER A 126 45.35 -19.17 -27.63
C SER A 126 44.66 -20.51 -27.44
N GLU A 127 43.82 -20.60 -26.41
CA GLU A 127 43.07 -21.86 -26.13
C GLU A 127 42.13 -22.19 -27.29
N GLU A 128 41.38 -21.20 -27.79
CA GLU A 128 40.42 -21.46 -28.85
C GLU A 128 41.13 -21.82 -30.15
N LEU A 129 42.25 -21.15 -30.45
CA LEU A 129 43.01 -21.51 -31.63
C LEU A 129 43.49 -22.95 -31.57
N GLN A 130 43.79 -23.45 -30.37
CA GLN A 130 44.13 -24.85 -30.22
C GLN A 130 42.96 -25.77 -30.50
N ALA A 131 41.72 -25.29 -30.33
CA ALA A 131 40.53 -25.99 -30.76
C ALA A 131 40.20 -25.74 -32.23
N ASN A 132 41.12 -25.12 -32.97
CA ASN A 132 41.00 -24.86 -34.40
C ASN A 132 39.88 -23.88 -34.73
N LYS A 133 39.48 -23.05 -33.76
CA LYS A 133 38.48 -22.02 -33.98
C LYS A 133 39.08 -20.66 -33.65
N ALA A 134 38.44 -19.62 -34.18
CA ALA A 134 38.88 -18.25 -33.93
C ALA A 134 37.66 -17.35 -34.06
N THR A 135 37.20 -16.78 -32.95
CA THR A 135 36.13 -15.79 -32.99
C THR A 135 36.69 -14.46 -32.50
N LEU A 136 36.40 -13.41 -33.25
CA LEU A 136 36.75 -12.05 -32.87
C LEU A 136 35.57 -11.41 -32.16
N VAL A 137 35.84 -10.70 -31.08
CA VAL A 137 34.80 -10.13 -30.23
C VAL A 137 34.92 -8.62 -30.29
N CYS A 138 33.87 -7.96 -30.76
CA CYS A 138 33.80 -6.50 -30.83
C CYS A 138 32.75 -6.03 -29.84
N LEU A 139 33.19 -5.30 -28.82
CA LEU A 139 32.30 -4.81 -27.78
C LEU A 139 32.12 -3.32 -27.93
N ILE A 140 30.87 -2.87 -27.87
CA ILE A 140 30.48 -1.49 -28.14
C ILE A 140 29.64 -1.01 -26.97
N SER A 141 30.04 0.09 -26.33
CA SER A 141 29.38 0.54 -25.12
C SER A 141 29.30 2.06 -25.09
N ASP A 142 28.32 2.54 -24.30
CA ASP A 142 28.22 3.94 -23.90
C ASP A 142 27.87 4.87 -25.07
N PHE A 143 27.02 4.42 -25.99
CA PHE A 143 26.48 5.29 -27.02
C PHE A 143 25.03 5.61 -26.67
N TYR A 144 24.68 6.91 -26.63
CA TYR A 144 23.33 7.19 -26.13
C TYR A 144 22.27 6.97 -27.20
N PRO A 145 22.33 7.60 -28.38
CA PRO A 145 21.34 7.24 -29.40
C PRO A 145 21.45 5.75 -29.65
N GLY A 146 20.41 5.01 -29.30
CA GLY A 146 20.52 3.56 -29.19
C GLY A 146 20.47 2.83 -30.52
N ALA A 147 21.22 3.31 -31.50
CA ALA A 147 21.29 2.67 -32.81
C ALA A 147 22.73 2.69 -33.29
N VAL A 148 23.14 1.61 -33.95
CA VAL A 148 24.53 1.45 -34.35
C VAL A 148 24.59 0.52 -35.54
N GLU A 149 25.63 0.67 -36.36
CA GLU A 149 25.89 -0.21 -37.47
C GLU A 149 27.32 -0.76 -37.33
N VAL A 150 27.47 -2.07 -37.52
CA VAL A 150 28.76 -2.74 -37.40
C VAL A 150 29.10 -3.37 -38.74
N ALA A 151 30.32 -3.13 -39.21
CA ALA A 151 30.84 -3.75 -40.42
C ALA A 151 32.24 -4.31 -40.12
N TRP A 152 32.50 -5.51 -40.61
CA TRP A 152 33.78 -6.18 -40.42
C TRP A 152 34.60 -6.14 -41.72
N LYS A 153 35.91 -6.10 -41.57
CA LYS A 153 36.82 -6.11 -42.70
C LYS A 153 37.96 -7.09 -42.44
N ALA A 154 38.47 -7.67 -43.53
CA ALA A 154 39.63 -8.56 -43.48
C ALA A 154 40.59 -8.12 -44.58
N ASP A 155 41.79 -7.69 -44.19
CA ASP A 155 42.77 -7.12 -45.12
C ASP A 155 42.18 -5.94 -45.88
N GLY A 156 41.35 -5.16 -45.21
CA GLY A 156 40.77 -3.97 -45.78
C GLY A 156 39.53 -4.19 -46.63
N SER A 157 39.11 -5.43 -46.83
CA SER A 157 37.97 -5.75 -47.68
C SER A 157 36.82 -6.27 -46.83
N ALA A 158 35.59 -5.93 -47.23
CA ALA A 158 34.41 -6.22 -46.43
C ALA A 158 34.21 -7.71 -46.26
N VAL A 159 33.71 -8.10 -45.08
CA VAL A 159 33.45 -9.48 -44.73
C VAL A 159 32.00 -9.60 -44.27
N ASN A 160 31.27 -10.56 -44.84
CA ASN A 160 29.88 -10.78 -44.49
C ASN A 160 29.64 -12.10 -43.78
N ALA A 161 30.23 -13.19 -44.28
CA ALA A 161 30.02 -14.49 -43.68
C ALA A 161 30.60 -14.55 -42.27
N GLY A 162 29.86 -15.18 -41.36
CA GLY A 162 30.34 -15.40 -40.01
C GLY A 162 30.15 -14.26 -39.05
N VAL A 163 29.38 -13.24 -39.40
CA VAL A 163 29.17 -12.08 -38.53
C VAL A 163 27.83 -12.24 -37.82
N GLU A 164 27.84 -12.05 -36.50
CA GLU A 164 26.63 -12.05 -35.70
C GLU A 164 26.66 -10.87 -34.75
N THR A 165 25.60 -10.06 -34.76
CA THR A 165 25.55 -8.81 -34.03
C THR A 165 24.25 -8.72 -33.24
N THR A 166 24.34 -8.24 -32.00
CA THR A 166 23.19 -8.10 -31.13
C THR A 166 22.47 -6.77 -31.38
N LYS A 167 21.22 -6.73 -30.98
CA LYS A 167 20.53 -5.45 -30.88
C LYS A 167 21.07 -4.67 -29.69
N PRO A 168 20.99 -3.34 -29.72
CA PRO A 168 21.45 -2.55 -28.57
C PRO A 168 20.59 -2.79 -27.34
N SER A 169 21.22 -2.69 -26.18
CA SER A 169 20.55 -2.87 -24.91
C SER A 169 20.84 -1.67 -24.01
N LYS A 170 19.81 -1.24 -23.27
CA LYS A 170 19.96 -0.04 -22.41
C LYS A 170 20.80 -0.35 -21.17
N GLN A 171 21.76 0.51 -20.87
CA GLN A 171 22.60 0.36 -19.69
C GLN A 171 22.00 1.11 -18.51
N SER A 172 22.64 0.98 -17.35
CA SER A 172 22.17 1.68 -16.14
C SER A 172 22.31 3.18 -16.27
N ASN A 173 23.33 3.67 -16.98
CA ASN A 173 23.53 5.09 -17.15
C ASN A 173 22.73 5.68 -18.31
N ASN A 174 21.69 4.96 -18.76
CA ASN A 174 20.79 5.33 -19.86
C ASN A 174 21.46 5.25 -21.23
N LYS A 175 22.74 4.94 -21.30
CA LYS A 175 23.38 4.70 -22.59
C LYS A 175 23.14 3.25 -23.01
N TYR A 176 23.65 2.88 -24.19
CA TYR A 176 23.35 1.59 -24.79
C TYR A 176 24.63 0.82 -25.07
N ALA A 177 24.49 -0.50 -25.16
CA ALA A 177 25.61 -1.39 -25.42
C ALA A 177 25.21 -2.44 -26.46
N ALA A 178 26.22 -2.96 -27.17
CA ALA A 178 26.00 -3.98 -28.18
C ALA A 178 27.31 -4.72 -28.39
N SER A 179 27.23 -5.88 -29.04
CA SER A 179 28.41 -6.68 -29.36
C SER A 179 28.25 -7.33 -30.71
N SER A 180 29.38 -7.56 -31.38
CA SER A 180 29.43 -8.25 -32.66
C SER A 180 30.54 -9.29 -32.64
N TYR A 181 30.27 -10.44 -33.22
CA TYR A 181 31.17 -11.58 -33.22
C TYR A 181 31.45 -12.03 -34.64
N LEU A 182 32.72 -12.24 -34.96
CA LEU A 182 33.13 -12.79 -36.25
C LEU A 182 33.74 -14.16 -35.99
N SER A 183 33.04 -15.21 -36.42
CA SER A 183 33.44 -16.59 -36.16
C SER A 183 34.22 -17.13 -37.35
N LEU A 184 35.46 -17.54 -37.10
CA LEU A 184 36.34 -18.08 -38.13
C LEU A 184 36.95 -19.39 -37.66
N THR A 185 37.46 -20.15 -38.63
CA THR A 185 38.36 -21.24 -38.30
C THR A 185 39.74 -20.67 -37.99
N SER A 186 40.53 -21.45 -37.23
CA SER A 186 41.90 -21.03 -36.95
C SER A 186 42.70 -20.86 -38.24
N ASP A 187 42.38 -21.65 -39.27
CA ASP A 187 43.07 -21.53 -40.54
C ASP A 187 42.78 -20.19 -41.22
N GLN A 188 41.53 -19.72 -41.16
CA GLN A 188 41.21 -18.42 -41.75
C GLN A 188 41.92 -17.29 -41.02
N TRP A 189 42.03 -17.40 -39.69
CA TRP A 189 42.67 -16.36 -38.89
C TRP A 189 44.14 -16.19 -39.29
N LYS A 190 44.85 -17.30 -39.49
CA LYS A 190 46.28 -17.25 -39.77
C LYS A 190 46.60 -16.96 -41.24
N SER A 191 45.58 -16.93 -42.11
CA SER A 191 45.82 -16.69 -43.54
C SER A 191 45.51 -15.25 -43.94
N HIS A 192 45.36 -14.34 -42.99
CA HIS A 192 45.10 -12.94 -43.27
C HIS A 192 46.03 -12.07 -42.43
N LYS A 193 46.25 -10.84 -42.89
CA LYS A 193 47.19 -9.96 -42.21
C LYS A 193 46.52 -9.12 -41.13
N SER A 194 45.21 -8.86 -41.25
CA SER A 194 44.52 -8.02 -40.28
C SER A 194 43.02 -8.23 -40.43
N TYR A 195 42.32 -7.95 -39.33
CA TYR A 195 40.86 -7.86 -39.32
C TYR A 195 40.47 -6.59 -38.59
N SER A 196 39.31 -6.04 -38.96
CA SER A 196 38.87 -4.78 -38.38
C SER A 196 37.38 -4.81 -38.08
N CYS A 197 37.01 -4.13 -37.00
CA CYS A 197 35.62 -3.91 -36.62
C CYS A 197 35.36 -2.41 -36.69
N GLN A 198 34.49 -2.00 -37.62
CA GLN A 198 34.14 -0.60 -37.79
C GLN A 198 32.72 -0.36 -37.29
N VAL A 199 32.57 0.65 -36.44
CA VAL A 199 31.31 0.93 -35.76
C VAL A 199 30.85 2.32 -36.20
N THR A 200 29.63 2.41 -36.72
CA THR A 200 29.06 3.67 -37.20
C THR A 200 27.95 4.10 -36.25
N HIS A 201 27.97 5.39 -35.88
CA HIS A 201 26.99 5.94 -34.94
C HIS A 201 26.81 7.42 -35.21
N GLU A 202 25.59 7.81 -35.58
CA GLU A 202 25.24 9.22 -35.82
C GLU A 202 26.16 9.86 -36.86
N GLY A 203 26.50 9.11 -37.91
CA GLY A 203 27.33 9.62 -38.98
C GLY A 203 28.82 9.56 -38.73
N SER A 204 29.25 9.14 -37.54
CA SER A 204 30.65 8.99 -37.22
C SER A 204 31.04 7.52 -37.18
N THR A 205 32.32 7.25 -37.38
CA THR A 205 32.82 5.88 -37.37
C THR A 205 33.98 5.75 -36.39
N VAL A 206 34.03 4.61 -35.72
CA VAL A 206 35.15 4.21 -34.88
C VAL A 206 35.60 2.83 -35.32
N GLU A 207 36.89 2.68 -35.61
CA GLU A 207 37.44 1.45 -36.17
C GLU A 207 38.52 0.89 -35.26
N LYS A 208 38.53 -0.42 -35.09
CA LYS A 208 39.56 -1.12 -34.32
C LYS A 208 40.09 -2.28 -35.14
N THR A 209 41.39 -2.56 -34.99
CA THR A 209 42.08 -3.53 -35.83
C THR A 209 42.92 -4.47 -35.00
N VAL A 210 42.92 -5.75 -35.37
CA VAL A 210 43.80 -6.75 -34.78
C VAL A 210 44.53 -7.48 -35.90
N ALA A 211 45.72 -7.98 -35.57
CA ALA A 211 46.56 -8.69 -36.52
C ALA A 211 47.05 -10.01 -35.91
N PRO A 212 47.10 -11.07 -36.71
CA PRO A 212 47.63 -12.34 -36.19
C PRO A 212 49.08 -12.27 -35.75
N ALA A 213 49.85 -11.29 -36.22
CA ALA A 213 51.23 -11.14 -35.79
C ALA A 213 51.29 -10.79 -34.30
N GLU A 214 52.39 -11.20 -33.66
CA GLU A 214 52.58 -10.97 -32.23
C GLU A 214 52.59 -9.48 -31.91
N GLN B 1 18.30 -6.72 7.37
CA GLN B 1 17.17 -6.40 6.46
C GLN B 1 16.71 -7.68 5.75
N LEU B 2 15.42 -7.77 5.45
CA LEU B 2 14.92 -8.94 4.73
C LEU B 2 15.56 -9.04 3.36
N GLN B 3 16.03 -10.23 3.02
CA GLN B 3 16.57 -10.54 1.70
C GLN B 3 15.94 -11.81 1.19
N LEU B 4 15.60 -11.83 -0.10
CA LEU B 4 14.95 -12.96 -0.73
C LEU B 4 15.80 -13.47 -1.89
N GLN B 5 15.76 -14.78 -2.11
CA GLN B 5 16.54 -15.42 -3.16
C GLN B 5 15.71 -16.55 -3.78
N GLU B 6 15.35 -16.40 -5.05
CA GLU B 6 14.73 -17.47 -5.81
C GLU B 6 15.78 -18.50 -6.24
N SER B 7 15.33 -19.73 -6.46
CA SER B 7 16.20 -20.77 -6.98
C SER B 7 15.35 -21.78 -7.74
N GLY B 8 15.69 -22.03 -9.01
CA GLY B 8 14.94 -22.93 -9.85
C GLY B 8 15.84 -23.81 -10.70
N PRO B 9 15.26 -24.46 -11.71
CA PRO B 9 16.05 -25.40 -12.53
C PRO B 9 16.73 -24.75 -13.72
N GLY B 10 16.25 -23.58 -14.13
CA GLY B 10 16.76 -22.94 -15.34
C GLY B 10 15.96 -23.32 -16.58
N VAL B 11 15.90 -24.62 -16.88
CA VAL B 11 15.19 -25.13 -18.04
C VAL B 11 14.17 -26.18 -17.59
N VAL B 12 12.96 -26.10 -18.13
CA VAL B 12 11.90 -27.06 -17.84
C VAL B 12 11.35 -27.59 -19.17
N LYS B 13 11.23 -28.91 -19.27
CA LYS B 13 10.71 -29.51 -20.48
C LYS B 13 9.21 -29.24 -20.61
N PRO B 14 8.69 -29.11 -21.83
CA PRO B 14 7.26 -28.83 -22.00
C PRO B 14 6.41 -29.94 -21.41
N SER B 15 5.27 -29.55 -20.84
CA SER B 15 4.29 -30.42 -20.19
C SER B 15 4.79 -31.00 -18.86
N GLU B 16 6.00 -30.64 -18.42
CA GLU B 16 6.48 -31.05 -17.11
C GLU B 16 6.10 -29.98 -16.08
N THR B 17 6.49 -30.21 -14.83
CA THR B 17 6.16 -29.33 -13.72
C THR B 17 7.32 -28.40 -13.42
N LEU B 18 7.03 -27.11 -13.31
CA LEU B 18 8.03 -26.12 -12.93
C LEU B 18 8.00 -25.96 -11.41
N SER B 19 9.18 -26.07 -10.78
CA SER B 19 9.29 -26.05 -9.33
C SER B 19 10.32 -25.01 -8.92
N LEU B 20 9.87 -24.02 -8.15
CA LEU B 20 10.73 -22.94 -7.69
C LEU B 20 10.55 -22.75 -6.19
N THR B 21 11.62 -22.31 -5.51
CA THR B 21 11.60 -22.01 -4.09
C THR B 21 12.25 -20.66 -3.85
N CYS B 22 11.74 -19.94 -2.85
CA CYS B 22 12.31 -18.66 -2.42
C CYS B 22 12.84 -18.84 -1.01
N THR B 23 14.09 -18.42 -0.78
CA THR B 23 14.72 -18.51 0.53
C THR B 23 14.70 -17.15 1.20
N ILE B 24 14.31 -17.12 2.47
CA ILE B 24 14.15 -15.90 3.24
C ILE B 24 15.32 -15.80 4.22
N SER B 25 15.94 -14.62 4.30
CA SER B 25 16.97 -14.35 5.29
C SER B 25 16.76 -12.95 5.85
N GLY B 26 17.25 -12.74 7.08
CA GLY B 26 17.08 -11.45 7.73
C GLY B 26 15.66 -11.15 8.13
N GLY B 27 14.80 -12.15 8.21
CA GLY B 27 13.41 -11.93 8.56
C GLY B 27 12.68 -13.24 8.69
N SER B 28 11.39 -13.15 8.99
CA SER B 28 10.53 -14.31 9.19
C SER B 28 9.28 -14.17 8.36
N PHE B 29 8.59 -15.30 8.15
CA PHE B 29 7.32 -15.27 7.46
C PHE B 29 6.28 -14.48 8.26
N SER B 30 6.25 -14.68 9.57
CA SER B 30 5.46 -13.89 10.53
C SER B 30 4.01 -13.81 10.04
N THR B 31 3.39 -12.63 10.04
CA THR B 31 2.00 -12.47 9.65
C THR B 31 1.84 -11.93 8.24
N TYR B 32 2.93 -11.78 7.49
CA TYR B 32 2.86 -11.21 6.16
C TYR B 32 2.31 -12.22 5.16
N TYR B 33 1.90 -11.70 4.00
CA TYR B 33 1.65 -12.50 2.82
C TYR B 33 2.94 -12.64 2.02
N TRP B 34 3.05 -13.72 1.26
CA TRP B 34 4.25 -14.00 0.47
C TRP B 34 3.81 -14.40 -0.93
N THR B 35 4.34 -13.69 -1.93
CA THR B 35 3.77 -13.67 -3.26
C THR B 35 4.80 -14.04 -4.32
N TRP B 36 4.30 -14.48 -5.47
CA TRP B 36 5.11 -14.76 -6.66
C TRP B 36 4.62 -13.89 -7.81
N ILE B 37 5.56 -13.26 -8.51
CA ILE B 37 5.29 -12.45 -9.70
C ILE B 37 6.18 -12.98 -10.82
N ARG B 38 5.69 -12.91 -12.05
CA ARG B 38 6.50 -13.36 -13.18
C ARG B 38 6.41 -12.36 -14.33
N GLN B 39 7.44 -12.38 -15.17
CA GLN B 39 7.55 -11.45 -16.28
C GLN B 39 8.23 -12.11 -17.48
N PRO B 40 7.49 -12.39 -18.55
CA PRO B 40 8.13 -12.93 -19.74
C PRO B 40 9.11 -11.93 -20.31
N PRO B 41 10.17 -12.39 -20.95
CA PRO B 41 11.20 -11.47 -21.45
C PRO B 41 10.61 -10.47 -22.43
N GLY B 42 10.82 -9.19 -22.14
CA GLY B 42 10.29 -8.13 -22.98
C GLY B 42 8.81 -7.84 -22.82
N LYS B 43 8.15 -8.42 -21.82
CA LYS B 43 6.71 -8.23 -21.63
C LYS B 43 6.45 -7.66 -20.23
N GLY B 44 5.17 -7.57 -19.87
CA GLY B 44 4.75 -6.98 -18.62
C GLY B 44 4.67 -7.97 -17.46
N LEU B 45 4.30 -7.43 -16.31
CA LEU B 45 4.19 -8.22 -15.09
C LEU B 45 2.87 -8.97 -15.02
N GLU B 46 2.90 -10.14 -14.38
CA GLU B 46 1.70 -10.91 -14.11
C GLU B 46 1.76 -11.46 -12.70
N TRP B 47 0.68 -11.27 -11.94
CA TRP B 47 0.60 -11.79 -10.58
C TRP B 47 0.25 -13.27 -10.61
N VAL B 48 1.02 -14.08 -9.90
CA VAL B 48 0.78 -15.53 -9.87
C VAL B 48 -0.10 -15.91 -8.68
N GLY B 49 0.25 -15.46 -7.49
CA GLY B 49 -0.54 -15.76 -6.31
C GLY B 49 0.26 -15.45 -5.05
N TYR B 50 -0.40 -15.65 -3.91
CA TYR B 50 0.32 -15.50 -2.65
C TYR B 50 -0.30 -16.40 -1.58
N ILE B 51 0.48 -16.61 -0.52
CA ILE B 51 0.11 -17.46 0.61
C ILE B 51 0.25 -16.64 1.87
N GLY B 52 -0.77 -16.70 2.74
CA GLY B 52 -0.79 -15.88 3.93
C GLY B 52 -1.56 -16.55 5.05
N ASN B 53 -1.65 -15.83 6.17
CA ASN B 53 -2.34 -16.31 7.36
C ASN B 53 -1.78 -17.65 7.84
N GLY B 54 -0.46 -17.77 7.84
CA GLY B 54 0.18 -19.01 8.25
C GLY B 54 -0.20 -20.18 7.38
N GLY B 55 -0.29 -19.98 6.07
CA GLY B 55 -0.69 -21.03 5.16
C GLY B 55 -2.18 -21.28 5.07
N ARG B 56 -2.99 -20.53 5.83
CA ARG B 56 -4.44 -20.71 5.75
C ARG B 56 -5.04 -20.05 4.52
N SER B 57 -4.36 -19.09 3.92
CA SER B 57 -4.86 -18.38 2.74
C SER B 57 -3.99 -18.74 1.55
N LEU B 58 -4.57 -19.41 0.57
CA LEU B 58 -3.92 -19.71 -0.70
C LEU B 58 -4.75 -19.06 -1.78
N ASN B 59 -4.22 -18.00 -2.39
CA ASN B 59 -4.95 -17.22 -3.37
C ASN B 59 -4.12 -17.11 -4.64
N TYR B 60 -4.70 -17.53 -5.77
CA TYR B 60 -3.98 -17.63 -7.02
C TYR B 60 -4.64 -16.77 -8.09
N ASN B 61 -3.87 -16.47 -9.12
CA ASN B 61 -4.38 -15.78 -10.29
C ASN B 61 -5.48 -16.64 -10.92
N PRO B 62 -6.70 -16.13 -11.09
CA PRO B 62 -7.79 -16.99 -11.57
C PRO B 62 -7.53 -17.59 -12.93
N SER B 63 -6.65 -16.98 -13.74
CA SER B 63 -6.31 -17.55 -15.04
C SER B 63 -5.27 -18.66 -14.95
N LEU B 64 -4.61 -18.82 -13.80
CA LEU B 64 -3.64 -19.89 -13.60
C LEU B 64 -4.02 -20.82 -12.47
N LYS B 65 -5.25 -20.70 -11.94
CA LYS B 65 -5.59 -21.30 -10.65
C LYS B 65 -5.33 -22.81 -10.64
N SER B 66 -5.76 -23.52 -11.68
CA SER B 66 -5.73 -24.98 -11.65
C SER B 66 -4.35 -25.58 -11.91
N ARG B 67 -3.35 -24.76 -12.25
CA ARG B 67 -2.00 -25.26 -12.48
C ARG B 67 -1.02 -24.86 -11.39
N ILE B 68 -1.45 -24.09 -10.40
CA ILE B 68 -0.58 -23.41 -9.45
C ILE B 68 -0.73 -24.05 -8.07
N THR B 69 0.40 -24.28 -7.39
CA THR B 69 0.39 -24.66 -5.99
C THR B 69 1.44 -23.85 -5.24
N LEU B 70 1.04 -23.22 -4.15
CA LEU B 70 1.95 -22.52 -3.26
C LEU B 70 2.03 -23.27 -1.93
N SER B 71 3.23 -23.30 -1.36
CA SER B 71 3.44 -23.99 -0.09
C SER B 71 4.55 -23.26 0.67
N VAL B 72 4.59 -23.48 1.98
CA VAL B 72 5.60 -22.86 2.84
C VAL B 72 6.23 -23.93 3.73
N ASP B 73 7.54 -23.85 3.90
CA ASP B 73 8.32 -24.72 4.78
C ASP B 73 9.05 -23.82 5.77
N ALA B 74 8.39 -23.49 6.89
CA ALA B 74 8.95 -22.52 7.81
C ALA B 74 10.25 -22.98 8.45
N SER B 75 10.44 -24.30 8.59
CA SER B 75 11.65 -24.82 9.21
C SER B 75 12.89 -24.61 8.34
N LYS B 76 12.71 -24.35 7.05
CA LYS B 76 13.83 -24.06 6.16
C LYS B 76 13.80 -22.61 5.66
N ASN B 77 12.87 -21.80 6.16
CA ASN B 77 12.69 -20.42 5.73
C ASN B 77 12.51 -20.33 4.21
N GLN B 78 11.70 -21.24 3.68
CA GLN B 78 11.44 -21.31 2.26
C GLN B 78 9.95 -21.38 2.00
N PHE B 79 9.53 -20.79 0.88
CA PHE B 79 8.22 -21.09 0.32
C PHE B 79 8.37 -21.30 -1.18
N SER B 80 7.43 -22.03 -1.76
CA SER B 80 7.63 -22.63 -3.07
C SER B 80 6.44 -22.39 -3.96
N LEU B 81 6.68 -22.52 -5.26
CA LEU B 81 5.67 -22.40 -6.30
C LEU B 81 5.83 -23.57 -7.27
N LYS B 82 4.73 -24.24 -7.60
CA LYS B 82 4.72 -25.32 -8.58
C LYS B 82 3.75 -24.97 -9.70
N VAL B 83 4.21 -25.14 -10.94
CA VAL B 83 3.40 -24.88 -12.13
C VAL B 83 3.40 -26.13 -12.99
N THR B 84 2.22 -26.72 -13.18
CA THR B 84 2.10 -27.95 -13.94
C THR B 84 1.81 -27.65 -15.42
N SER B 85 2.00 -28.68 -16.25
CA SER B 85 1.59 -28.68 -17.67
C SER B 85 2.14 -27.46 -18.42
N VAL B 86 3.44 -27.26 -18.29
CA VAL B 86 4.08 -26.03 -18.70
C VAL B 86 4.20 -25.97 -20.23
N THR B 87 4.18 -24.75 -20.77
CA THR B 87 4.48 -24.48 -22.18
C THR B 87 5.42 -23.28 -22.26
N ALA B 88 5.79 -22.91 -23.49
CA ALA B 88 6.65 -21.75 -23.69
C ALA B 88 5.99 -20.45 -23.21
N ALA B 89 4.67 -20.46 -23.01
CA ALA B 89 4.01 -19.31 -22.42
C ALA B 89 4.40 -19.10 -20.97
N ASP B 90 5.02 -20.09 -20.34
CA ASP B 90 5.49 -19.95 -18.96
C ASP B 90 6.97 -19.62 -18.87
N THR B 91 7.65 -19.41 -19.99
CA THR B 91 9.00 -18.88 -19.97
C THR B 91 8.96 -17.44 -19.46
N ALA B 92 9.65 -17.18 -18.36
CA ALA B 92 9.57 -15.87 -17.72
C ALA B 92 10.60 -15.77 -16.62
N VAL B 93 10.88 -14.54 -16.20
CA VAL B 93 11.58 -14.30 -14.95
C VAL B 93 10.56 -14.36 -13.82
N TYR B 94 10.84 -15.18 -12.81
CA TYR B 94 9.94 -15.35 -11.67
C TYR B 94 10.52 -14.61 -10.46
N TYR B 95 9.69 -13.78 -9.82
CA TYR B 95 10.07 -13.04 -8.63
C TYR B 95 9.27 -13.55 -7.44
N CYS B 96 9.93 -13.69 -6.29
CA CYS B 96 9.24 -13.86 -5.02
C CYS B 96 9.28 -12.56 -4.24
N GLY B 97 8.25 -12.31 -3.43
CA GLY B 97 8.17 -11.04 -2.74
C GLY B 97 7.39 -11.12 -1.45
N ARG B 98 7.66 -10.15 -0.57
CA ARG B 98 6.87 -9.97 0.64
C ARG B 98 5.73 -9.02 0.34
N ALA B 99 4.50 -9.44 0.66
CA ALA B 99 3.31 -8.62 0.51
C ALA B 99 2.80 -8.24 1.88
N ARG B 100 2.77 -6.94 2.17
CA ARG B 100 2.38 -6.40 3.47
C ARG B 100 1.21 -5.44 3.33
N GLY B 101 0.75 -4.91 4.46
CA GLY B 101 -0.41 -4.05 4.49
C GLY B 101 -1.70 -4.84 4.44
N LEU B 102 -2.81 -4.12 4.49
CA LEU B 102 -4.12 -4.76 4.39
C LEU B 102 -4.21 -5.55 3.10
N ARG B 103 -4.67 -6.80 3.20
CA ARG B 103 -4.84 -7.71 2.08
C ARG B 103 -3.53 -8.04 1.38
N GLY B 104 -2.39 -7.68 1.98
CA GLY B 104 -1.12 -7.86 1.32
C GLY B 104 -0.94 -7.02 0.07
N ASN B 105 -1.54 -5.83 0.04
CA ASN B 105 -1.58 -5.06 -1.20
C ASN B 105 -0.23 -4.46 -1.58
N TRP B 106 0.71 -4.43 -0.64
CA TRP B 106 1.97 -3.69 -0.81
C TRP B 106 3.11 -4.71 -0.91
N PHE B 107 3.65 -4.89 -2.12
CA PHE B 107 4.75 -5.82 -2.35
C PHE B 107 6.06 -5.07 -2.13
N ASP B 108 6.54 -5.04 -0.88
CA ASP B 108 7.59 -4.09 -0.53
C ASP B 108 9.00 -4.63 -0.74
N VAL B 109 9.22 -5.94 -0.65
CA VAL B 109 10.55 -6.52 -0.84
C VAL B 109 10.48 -7.58 -1.92
N TRP B 110 11.40 -7.50 -2.88
CA TRP B 110 11.46 -8.44 -4.00
C TRP B 110 12.79 -9.16 -4.02
N GLY B 111 12.77 -10.40 -4.50
CA GLY B 111 13.98 -11.08 -4.87
C GLY B 111 14.52 -10.56 -6.19
N PRO B 112 15.76 -10.94 -6.51
CA PRO B 112 16.36 -10.50 -7.79
C PRO B 112 15.71 -11.11 -9.01
N GLY B 113 15.01 -12.23 -8.86
CA GLY B 113 14.38 -12.86 -10.01
C GLY B 113 15.23 -13.96 -10.60
N VAL B 114 14.56 -15.00 -11.09
CA VAL B 114 15.22 -16.14 -11.73
C VAL B 114 14.52 -16.40 -13.06
N LEU B 115 15.31 -16.55 -14.12
CA LEU B 115 14.76 -16.87 -15.43
C LEU B 115 14.54 -18.37 -15.55
N VAL B 116 13.35 -18.75 -16.01
CA VAL B 116 13.00 -20.14 -16.27
C VAL B 116 12.63 -20.27 -17.73
N THR B 117 13.30 -21.17 -18.45
CA THR B 117 13.08 -21.36 -19.86
C THR B 117 12.41 -22.70 -20.10
N VAL B 118 11.30 -22.68 -20.82
CA VAL B 118 10.58 -23.90 -21.18
C VAL B 118 11.00 -24.29 -22.58
N SER B 119 11.65 -25.45 -22.70
CA SER B 119 12.18 -25.88 -23.98
C SER B 119 12.36 -27.39 -23.99
N SER B 120 12.03 -28.00 -25.14
CA SER B 120 12.34 -29.39 -25.37
C SER B 120 13.71 -29.60 -25.97
N ALA B 121 14.41 -28.52 -26.33
CA ALA B 121 15.74 -28.64 -26.91
C ALA B 121 16.76 -29.00 -25.84
N SER B 122 17.76 -29.79 -26.24
CA SER B 122 18.75 -30.26 -25.28
C SER B 122 19.60 -29.09 -24.76
N THR B 123 19.82 -29.08 -23.45
CA THR B 123 20.68 -28.08 -22.85
C THR B 123 22.13 -28.29 -23.28
N LYS B 124 22.90 -27.20 -23.24
CA LYS B 124 24.30 -27.24 -23.63
C LYS B 124 25.09 -26.28 -22.75
N GLY B 125 26.10 -26.82 -22.07
CA GLY B 125 26.99 -26.02 -21.26
C GLY B 125 28.06 -25.36 -22.12
N PRO B 126 28.57 -24.22 -21.66
CA PRO B 126 29.47 -23.41 -22.49
C PRO B 126 30.94 -23.80 -22.34
N SER B 127 31.71 -23.44 -23.36
CA SER B 127 33.15 -23.35 -23.27
C SER B 127 33.54 -21.92 -22.90
N VAL B 128 34.51 -21.78 -22.01
CA VAL B 128 34.95 -20.48 -21.53
C VAL B 128 36.38 -20.24 -21.98
N PHE B 129 36.62 -19.09 -22.60
CA PHE B 129 37.96 -18.73 -23.06
C PHE B 129 38.36 -17.37 -22.52
N PRO B 130 39.63 -17.16 -22.20
CA PRO B 130 40.07 -15.85 -21.71
C PRO B 130 40.23 -14.85 -22.84
N LEU B 131 39.98 -13.59 -22.53
CA LEU B 131 40.12 -12.49 -23.50
C LEU B 131 41.21 -11.56 -22.97
N ALA B 132 42.46 -11.88 -23.29
CA ALA B 132 43.57 -11.04 -22.93
C ALA B 132 43.70 -9.89 -23.94
N PRO B 133 44.30 -8.75 -23.53
CA PRO B 133 44.38 -7.64 -24.48
C PRO B 133 45.47 -7.85 -25.53
N SER B 139 51.34 0.73 -21.31
CA SER B 139 51.26 1.93 -22.16
C SER B 139 49.96 2.67 -21.90
N GLU B 140 48.83 2.01 -22.14
CA GLU B 140 47.53 2.60 -21.85
C GLU B 140 47.34 2.70 -20.34
N SER B 141 46.68 3.79 -19.90
CA SER B 141 46.46 3.99 -18.48
C SER B 141 45.58 2.89 -17.89
N THR B 142 44.53 2.49 -18.62
CA THR B 142 43.66 1.40 -18.22
C THR B 142 43.60 0.37 -19.33
N ALA B 143 43.43 -0.90 -18.93
CA ALA B 143 43.40 -2.01 -19.87
C ALA B 143 42.14 -2.84 -19.65
N ALA B 144 41.72 -3.53 -20.70
CA ALA B 144 40.51 -4.35 -20.69
C ALA B 144 40.87 -5.83 -20.82
N LEU B 145 40.34 -6.63 -19.92
CA LEU B 145 40.44 -8.09 -19.96
C LEU B 145 39.02 -8.65 -19.94
N GLY B 146 38.87 -9.90 -20.37
CA GLY B 146 37.54 -10.45 -20.43
C GLY B 146 37.50 -11.96 -20.53
N CYS B 147 36.29 -12.49 -20.52
CA CYS B 147 36.00 -13.90 -20.70
C CYS B 147 34.94 -14.06 -21.78
N LEU B 148 35.14 -15.03 -22.65
CA LEU B 148 34.17 -15.36 -23.69
C LEU B 148 33.44 -16.64 -23.31
N VAL B 149 32.11 -16.56 -23.21
CA VAL B 149 31.26 -17.69 -22.81
C VAL B 149 30.53 -18.17 -24.05
N LYS B 150 30.95 -19.32 -24.58
CA LYS B 150 30.69 -19.69 -25.96
C LYS B 150 29.75 -20.89 -26.08
N ASP B 151 28.70 -20.74 -26.89
CA ASP B 151 27.89 -21.86 -27.39
C ASP B 151 27.16 -22.61 -26.27
N TYR B 152 26.27 -21.90 -25.59
CA TYR B 152 25.37 -22.49 -24.61
C TYR B 152 23.93 -22.24 -25.00
N PHE B 153 23.07 -23.26 -24.87
CA PHE B 153 21.69 -23.03 -25.30
C PHE B 153 20.81 -22.33 -24.28
N PRO B 154 20.64 -22.84 -23.05
CA PRO B 154 19.67 -22.19 -22.15
C PRO B 154 20.21 -20.86 -21.65
N GLU B 155 19.36 -19.84 -21.74
CA GLU B 155 19.84 -18.45 -21.74
C GLU B 155 20.60 -18.02 -20.49
N PRO B 156 20.10 -18.19 -19.26
CA PRO B 156 20.70 -17.46 -18.13
C PRO B 156 22.13 -17.88 -17.86
N VAL B 157 23.07 -16.94 -18.02
CA VAL B 157 24.47 -17.13 -17.70
C VAL B 157 24.94 -15.93 -16.87
N THR B 158 25.63 -16.20 -15.76
CA THR B 158 26.11 -15.18 -14.84
C THR B 158 27.63 -15.20 -14.81
N VAL B 159 28.25 -14.02 -14.90
CA VAL B 159 29.69 -13.87 -14.80
C VAL B 159 30.00 -12.89 -13.67
N SER B 160 30.88 -13.31 -12.76
CA SER B 160 31.45 -12.43 -11.75
C SER B 160 32.97 -12.48 -11.87
N TRP B 161 33.63 -11.49 -11.28
CA TRP B 161 35.08 -11.37 -11.38
C TRP B 161 35.72 -11.37 -10.00
N ASN B 162 36.79 -12.14 -9.86
CA ASN B 162 37.53 -12.28 -8.60
C ASN B 162 36.56 -12.63 -7.46
N SER B 163 35.77 -13.68 -7.69
CA SER B 163 34.80 -14.18 -6.72
C SER B 163 33.76 -13.12 -6.37
N GLY B 164 33.51 -12.19 -7.28
CA GLY B 164 32.54 -11.14 -7.04
C GLY B 164 33.06 -9.93 -6.28
N SER B 165 34.33 -9.93 -5.88
CA SER B 165 34.91 -8.76 -5.23
C SER B 165 35.25 -7.65 -6.23
N LEU B 166 35.40 -7.99 -7.50
CA LEU B 166 35.72 -7.01 -8.55
C LEU B 166 34.41 -6.59 -9.20
N THR B 167 33.90 -5.42 -8.81
CA THR B 167 32.60 -4.92 -9.23
C THR B 167 32.70 -3.70 -10.14
N SER B 168 33.45 -2.68 -9.73
CA SER B 168 33.58 -1.49 -10.55
C SER B 168 34.34 -1.81 -11.83
N GLY B 169 33.93 -1.17 -12.93
CA GLY B 169 34.58 -1.38 -14.20
C GLY B 169 34.22 -2.68 -14.90
N VAL B 170 33.26 -3.43 -14.39
CA VAL B 170 32.85 -4.70 -14.99
C VAL B 170 31.59 -4.45 -15.80
N HIS B 171 31.56 -4.94 -17.02
CA HIS B 171 30.37 -4.89 -17.87
C HIS B 171 30.24 -6.25 -18.54
N THR B 172 29.15 -6.95 -18.24
CA THR B 172 28.84 -8.22 -18.91
C THR B 172 27.82 -7.92 -20.00
N PHE B 173 28.14 -8.29 -21.22
CA PHE B 173 27.30 -7.90 -22.33
C PHE B 173 26.16 -8.88 -22.55
N PRO B 174 25.00 -8.40 -22.96
CA PRO B 174 23.90 -9.30 -23.31
C PRO B 174 24.31 -10.28 -24.41
N ALA B 175 23.82 -11.51 -24.31
CA ALA B 175 24.27 -12.58 -25.19
C ALA B 175 23.75 -12.40 -26.61
N VAL B 176 24.52 -12.86 -27.57
CA VAL B 176 24.09 -12.96 -28.96
C VAL B 176 23.46 -14.33 -29.18
N LEU B 177 22.39 -14.35 -29.98
CA LEU B 177 21.73 -15.60 -30.36
C LEU B 177 22.17 -15.97 -31.77
N GLN B 178 22.87 -17.08 -31.89
CA GLN B 178 23.39 -17.51 -33.19
C GLN B 178 22.30 -18.21 -34.00
N SER B 179 22.58 -18.40 -35.29
CA SER B 179 21.64 -19.09 -36.17
C SER B 179 21.41 -20.52 -35.71
N SER B 180 22.41 -21.15 -35.08
CA SER B 180 22.27 -22.50 -34.58
C SER B 180 21.29 -22.61 -33.41
N GLY B 181 20.88 -21.48 -32.82
CA GLY B 181 20.07 -21.49 -31.64
C GLY B 181 20.84 -21.45 -30.33
N LEU B 182 22.16 -21.39 -30.38
CA LEU B 182 22.98 -21.26 -29.18
C LEU B 182 23.34 -19.81 -28.92
N TYR B 183 23.64 -19.51 -27.67
CA TYR B 183 24.02 -18.18 -27.24
C TYR B 183 25.52 -18.10 -26.99
N SER B 184 26.06 -16.89 -27.12
CA SER B 184 27.39 -16.54 -26.63
C SER B 184 27.32 -15.16 -26.02
N LEU B 185 28.09 -14.94 -24.95
CA LEU B 185 28.24 -13.60 -24.39
C LEU B 185 29.69 -13.39 -23.99
N SER B 186 29.99 -12.13 -23.65
CA SER B 186 31.31 -11.73 -23.19
C SER B 186 31.15 -10.84 -21.96
N SER B 187 32.09 -10.96 -21.04
CA SER B 187 32.17 -10.09 -19.88
C SER B 187 33.57 -9.51 -19.83
N VAL B 188 33.68 -8.19 -19.66
CA VAL B 188 34.97 -7.54 -19.60
C VAL B 188 35.03 -6.62 -18.39
N VAL B 189 36.24 -6.43 -17.88
CA VAL B 189 36.51 -5.53 -16.78
C VAL B 189 37.67 -4.63 -17.20
N THR B 190 37.53 -3.34 -16.91
CA THR B 190 38.57 -2.36 -17.17
C THR B 190 39.37 -2.14 -15.89
N VAL B 191 40.66 -2.43 -15.94
CA VAL B 191 41.53 -2.30 -14.76
C VAL B 191 42.71 -1.40 -15.13
N PRO B 192 43.29 -0.69 -14.16
CA PRO B 192 44.53 0.03 -14.43
C PRO B 192 45.64 -0.94 -14.83
N SER B 193 46.43 -0.53 -15.82
CA SER B 193 47.42 -1.44 -16.39
C SER B 193 48.48 -1.83 -15.36
N SER B 194 48.78 -0.95 -14.41
CA SER B 194 49.76 -1.29 -13.38
C SER B 194 49.29 -2.46 -12.53
N SER B 195 47.99 -2.48 -12.19
CA SER B 195 47.44 -3.57 -11.39
C SER B 195 47.48 -4.91 -12.12
N LEU B 196 47.57 -4.90 -13.45
CA LEU B 196 47.58 -6.14 -14.21
C LEU B 196 48.80 -6.98 -13.90
N GLY B 197 49.96 -6.35 -13.78
CA GLY B 197 51.18 -7.10 -13.50
C GLY B 197 51.15 -7.79 -12.15
N THR B 198 50.61 -7.13 -11.14
CA THR B 198 50.59 -7.66 -9.78
C THR B 198 49.38 -8.55 -9.52
N GLN B 199 48.19 -8.05 -9.78
CA GLN B 199 46.95 -8.76 -9.45
C GLN B 199 46.52 -9.66 -10.60
N THR B 200 46.19 -10.91 -10.29
CA THR B 200 45.61 -11.82 -11.25
C THR B 200 44.09 -11.65 -11.27
N TYR B 201 43.50 -11.73 -12.45
CA TYR B 201 42.07 -11.54 -12.62
C TYR B 201 41.44 -12.84 -13.10
N VAL B 202 40.38 -13.27 -12.41
CA VAL B 202 39.73 -14.55 -12.65
C VAL B 202 38.24 -14.28 -12.84
N CYS B 203 37.67 -14.83 -13.90
CA CYS B 203 36.24 -14.71 -14.15
C CYS B 203 35.54 -15.99 -13.73
N ASN B 204 34.41 -15.84 -13.04
CA ASN B 204 33.62 -16.96 -12.56
C ASN B 204 32.35 -17.04 -13.38
N VAL B 205 32.17 -18.15 -14.08
CA VAL B 205 31.05 -18.34 -14.99
C VAL B 205 30.11 -19.38 -14.41
N ASN B 206 28.83 -19.03 -14.35
CA ASN B 206 27.81 -19.96 -13.82
C ASN B 206 26.68 -20.15 -14.83
N HIS B 207 26.42 -21.38 -15.24
CA HIS B 207 25.33 -21.72 -16.15
C HIS B 207 24.50 -22.78 -15.43
N LYS B 208 23.57 -22.31 -14.59
CA LYS B 208 22.73 -23.21 -13.79
C LYS B 208 22.02 -24.29 -14.61
N PRO B 209 21.47 -24.01 -15.80
CA PRO B 209 20.79 -25.09 -16.54
C PRO B 209 21.65 -26.32 -16.77
N SER B 210 22.96 -26.16 -17.01
CA SER B 210 23.85 -27.28 -17.22
C SER B 210 24.73 -27.59 -16.00
N ASN B 211 24.42 -26.97 -14.85
CA ASN B 211 25.19 -27.17 -13.62
C ASN B 211 26.68 -26.88 -13.83
N THR B 212 26.97 -25.79 -14.53
CA THR B 212 28.33 -25.44 -14.92
C THR B 212 28.88 -24.34 -14.03
N LYS B 213 30.03 -24.60 -13.42
CA LYS B 213 30.78 -23.61 -12.65
C LYS B 213 32.24 -23.70 -13.05
N VAL B 214 32.78 -22.62 -13.63
CA VAL B 214 34.16 -22.62 -14.10
C VAL B 214 34.79 -21.27 -13.76
N ASP B 215 36.05 -21.31 -13.33
CA ASP B 215 36.87 -20.14 -13.11
C ASP B 215 38.01 -20.15 -14.13
N LYS B 216 38.25 -19.01 -14.76
CA LYS B 216 39.30 -18.87 -15.76
C LYS B 216 40.23 -17.73 -15.36
N ARG B 217 41.52 -18.03 -15.20
CA ARG B 217 42.51 -16.99 -15.05
C ARG B 217 42.70 -16.27 -16.38
N VAL B 218 42.71 -14.94 -16.33
CA VAL B 218 42.95 -14.12 -17.51
C VAL B 218 44.29 -13.43 -17.31
N GLU B 219 45.33 -13.99 -17.90
CA GLU B 219 46.69 -13.50 -17.74
C GLU B 219 47.17 -12.88 -19.05
N ILE B 220 47.97 -11.82 -18.94
CA ILE B 220 48.57 -11.18 -20.10
C ILE B 220 49.49 -12.16 -20.82
N VAL C 7 -31.15 26.95 6.85
CA VAL C 7 -31.76 27.14 8.16
C VAL C 7 -30.82 26.62 9.25
N CYS C 8 -29.55 26.43 8.89
CA CYS C 8 -28.52 25.99 9.82
C CYS C 8 -27.94 27.21 10.55
N GLN C 9 -28.01 27.19 11.88
CA GLN C 9 -27.35 28.24 12.66
C GLN C 9 -25.84 28.02 12.72
N TYR C 10 -25.41 26.77 12.87
CA TYR C 10 -24.00 26.44 12.91
C TYR C 10 -23.76 25.18 12.07
N THR C 11 -22.77 25.25 11.19
CA THR C 11 -22.41 24.12 10.36
C THR C 11 -20.96 23.74 10.61
N ILE C 12 -20.69 22.43 10.58
CA ILE C 12 -19.37 21.89 10.82
C ILE C 12 -19.01 20.98 9.65
N GLN C 13 -17.82 21.15 9.09
CA GLN C 13 -17.35 20.38 7.96
C GLN C 13 -16.38 19.29 8.42
N SER C 14 -16.44 18.14 7.76
CA SER C 14 -15.52 17.04 8.08
C SER C 14 -15.25 16.24 6.82
N LEU C 15 -14.14 15.50 6.83
CA LEU C 15 -13.71 14.67 5.73
C LEU C 15 -13.70 13.21 6.17
N ILE C 16 -14.32 12.35 5.37
CA ILE C 16 -14.35 10.91 5.63
C ILE C 16 -13.27 10.26 4.80
N HIS C 17 -12.37 9.52 5.45
CA HIS C 17 -11.28 8.83 4.78
C HIS C 17 -11.54 7.33 4.80
N LEU C 18 -11.39 6.68 3.64
CA LEU C 18 -11.54 5.24 3.53
C LEU C 18 -10.15 4.61 3.50
N THR C 19 -9.90 3.69 4.42
CA THR C 19 -8.61 3.00 4.50
C THR C 19 -8.74 1.63 3.86
N GLY C 20 -8.09 1.44 2.71
CA GLY C 20 -8.00 0.13 2.09
C GLY C 20 -9.21 -0.28 1.30
N GLU C 21 -10.28 -0.69 1.98
CA GLU C 21 -11.46 -1.22 1.32
C GLU C 21 -12.67 -1.09 2.24
N ASP C 22 -13.84 -1.09 1.62
CA ASP C 22 -15.09 -1.08 2.37
C ASP C 22 -15.35 -2.49 2.92
N PRO C 23 -15.42 -2.67 4.23
CA PRO C 23 -15.58 -4.02 4.78
C PRO C 23 -17.00 -4.54 4.78
N GLY C 24 -17.96 -3.80 4.25
CA GLY C 24 -19.36 -4.20 4.28
C GLY C 24 -20.27 -3.24 5.03
N PHE C 25 -19.73 -2.21 5.66
CA PHE C 25 -20.55 -1.16 6.26
C PHE C 25 -19.82 0.16 6.15
N PHE C 26 -20.59 1.23 5.99
CA PHE C 26 -20.09 2.59 5.97
C PHE C 26 -20.36 3.25 7.31
N ASN C 27 -19.39 4.02 7.81
CA ASN C 27 -19.49 4.62 9.13
C ASN C 27 -18.98 6.05 9.11
N VAL C 28 -19.72 6.94 9.76
CA VAL C 28 -19.31 8.34 9.91
C VAL C 28 -19.62 8.79 11.33
N GLU C 29 -18.71 9.57 11.92
CA GLU C 29 -18.82 10.02 13.30
C GLU C 29 -19.14 11.50 13.33
N ILE C 30 -20.12 11.87 14.16
CA ILE C 30 -20.50 13.27 14.38
C ILE C 30 -20.24 13.60 15.83
N PRO C 31 -19.12 14.27 16.14
CA PRO C 31 -18.74 14.46 17.55
C PRO C 31 -19.15 15.79 18.18
N GLU C 32 -19.69 16.74 17.42
CA GLU C 32 -19.85 18.10 17.91
C GLU C 32 -21.29 18.51 18.18
N PHE C 33 -22.24 17.57 18.17
CA PHE C 33 -23.60 17.99 18.51
C PHE C 33 -23.77 18.08 20.01
N PRO C 34 -24.54 19.05 20.51
CA PRO C 34 -24.67 19.22 21.97
C PRO C 34 -25.63 18.17 22.55
N PHE C 35 -25.16 17.52 23.62
CA PHE C 35 -25.99 16.65 24.46
C PHE C 35 -25.85 17.21 25.88
N TYR C 36 -26.84 17.99 26.31
CA TYR C 36 -26.71 18.77 27.52
C TYR C 36 -26.71 17.88 28.76
N PRO C 37 -25.95 18.24 29.78
CA PRO C 37 -25.89 17.43 31.01
C PRO C 37 -27.01 17.77 31.97
N THR C 38 -27.26 16.83 32.89
CA THR C 38 -28.30 16.95 33.91
C THR C 38 -29.64 17.34 33.30
N CYS C 39 -30.05 16.57 32.28
CA CYS C 39 -31.31 16.86 31.59
C CYS C 39 -31.91 15.53 31.13
N ASN C 40 -32.93 15.07 31.86
CA ASN C 40 -33.66 13.88 31.46
C ASN C 40 -34.61 14.15 30.30
N VAL C 41 -35.06 15.40 30.15
CA VAL C 41 -36.10 15.75 29.18
C VAL C 41 -35.53 16.35 27.90
N CYS C 42 -34.20 16.43 27.78
CA CYS C 42 -33.59 17.05 26.61
C CYS C 42 -33.60 16.05 25.46
N THR C 43 -34.23 16.44 24.35
CA THR C 43 -34.32 15.61 23.15
C THR C 43 -33.75 16.36 21.96
N ALA C 44 -33.67 15.65 20.84
CA ALA C 44 -33.17 16.24 19.61
C ALA C 44 -33.92 15.65 18.42
N ASP C 45 -34.24 16.50 17.45
CA ASP C 45 -34.83 16.06 16.19
C ASP C 45 -33.72 15.88 15.17
N VAL C 46 -33.58 14.66 14.64
CA VAL C 46 -32.42 14.39 13.73
C VAL C 46 -32.90 13.91 12.36
N ASN C 47 -32.46 14.58 11.29
CA ASN C 47 -32.78 14.12 9.92
C ASN C 47 -31.46 13.97 9.17
N VAL C 48 -31.34 12.95 8.31
CA VAL C 48 -30.04 12.73 7.61
C VAL C 48 -30.24 12.59 6.10
N THR C 49 -29.47 13.32 5.30
CA THR C 49 -29.51 13.17 3.86
C THR C 49 -28.19 12.56 3.39
N ILE C 50 -28.28 11.51 2.57
CA ILE C 50 -27.11 10.93 1.94
C ILE C 50 -27.14 11.33 0.47
N ASN C 51 -26.05 11.96 0.04
CA ASN C 51 -25.93 12.43 -1.37
C ASN C 51 -25.14 11.39 -2.17
N PHE C 52 -25.80 10.73 -3.12
CA PHE C 52 -25.20 9.70 -3.94
C PHE C 52 -24.87 10.25 -5.32
N ASP C 53 -23.73 9.85 -5.86
CA ASP C 53 -23.43 10.08 -7.26
C ASP C 53 -23.64 8.79 -8.02
N VAL C 54 -24.41 8.86 -9.10
CA VAL C 54 -24.81 7.69 -9.88
C VAL C 54 -24.44 7.98 -11.32
N GLY C 55 -23.23 7.59 -11.72
CA GLY C 55 -22.74 7.85 -13.07
C GLY C 55 -22.65 9.32 -13.41
N GLY C 56 -22.31 10.16 -12.44
CA GLY C 56 -22.25 11.60 -12.65
C GLY C 56 -23.53 12.35 -12.31
N LYS C 57 -24.65 11.65 -12.22
CA LYS C 57 -25.91 12.26 -11.82
C LYS C 57 -26.10 12.11 -10.32
N LYS C 58 -26.69 13.12 -9.69
CA LYS C 58 -26.80 13.18 -8.25
C LYS C 58 -28.19 12.72 -7.80
N HIS C 59 -28.23 12.00 -6.68
CA HIS C 59 -29.46 11.44 -6.14
C HIS C 59 -29.43 11.55 -4.63
N GLN C 60 -30.46 12.18 -4.06
CA GLN C 60 -30.56 12.37 -2.62
C GLN C 60 -31.39 11.27 -1.98
N LEU C 61 -31.01 10.92 -0.76
CA LEU C 61 -31.76 9.98 0.07
C LEU C 61 -31.95 10.61 1.44
N ASP C 62 -33.21 10.84 1.81
CA ASP C 62 -33.54 11.47 3.09
C ASP C 62 -34.06 10.43 4.07
N LEU C 63 -33.47 10.39 5.25
CA LEU C 63 -33.94 9.45 6.30
C LEU C 63 -34.42 10.29 7.49
N ASP C 64 -35.51 9.85 8.13
CA ASP C 64 -36.00 10.57 9.33
C ASP C 64 -35.72 9.68 10.53
N PHE C 65 -35.03 10.22 11.54
CA PHE C 65 -34.65 9.38 12.70
C PHE C 65 -35.49 9.78 13.91
N GLY C 66 -36.59 10.50 13.69
CA GLY C 66 -37.46 10.81 14.80
C GLY C 66 -36.80 11.71 15.82
N GLN C 67 -37.09 11.46 17.09
CA GLN C 67 -36.55 12.24 18.20
C GLN C 67 -35.60 11.36 18.99
N LEU C 68 -34.36 11.84 19.16
CA LEU C 68 -33.42 11.15 20.02
C LEU C 68 -33.82 11.31 21.48
N THR C 69 -33.76 10.20 22.23
CA THR C 69 -34.03 10.19 23.67
C THR C 69 -32.84 9.53 24.34
N PRO C 70 -31.74 10.28 24.52
CA PRO C 70 -30.47 9.64 24.93
C PRO C 70 -30.54 8.91 26.25
N HIS C 71 -31.39 9.34 27.16
CA HIS C 71 -31.48 8.71 28.48
C HIS C 71 -32.17 7.35 28.44
N THR C 72 -32.87 7.01 27.36
CA THR C 72 -33.59 5.75 27.27
C THR C 72 -33.24 4.89 26.06
N LYS C 73 -32.58 5.45 25.03
CA LYS C 73 -32.33 4.72 23.80
C LYS C 73 -31.02 5.20 23.20
N ALA C 74 -30.22 4.25 22.71
CA ALA C 74 -28.93 4.57 22.14
C ALA C 74 -28.74 4.08 20.72
N VAL C 75 -29.61 3.22 20.21
CA VAL C 75 -29.52 2.70 18.85
C VAL C 75 -30.83 3.00 18.15
N TYR C 76 -30.78 3.75 17.04
CA TYR C 76 -31.96 4.22 16.35
C TYR C 76 -31.97 3.74 14.91
N GLN C 77 -33.10 3.19 14.47
CA GLN C 77 -33.46 2.87 13.11
C GLN C 77 -34.29 4.01 12.52
N PRO C 78 -34.05 4.39 11.26
CA PRO C 78 -34.77 5.53 10.69
C PRO C 78 -36.27 5.29 10.64
N ARG C 79 -37.04 6.31 11.06
CA ARG C 79 -38.52 6.21 11.04
C ARG C 79 -39.01 6.89 9.75
N GLY C 80 -38.86 6.21 8.62
CA GLY C 80 -39.28 6.80 7.33
C GLY C 80 -38.11 7.14 6.44
N ALA C 81 -38.27 6.95 5.12
CA ALA C 81 -37.22 7.28 4.16
C ALA C 81 -37.85 7.79 2.86
N PHE C 82 -37.17 8.75 2.24
CA PHE C 82 -37.65 9.31 0.95
C PHE C 82 -36.64 9.01 -0.17
N GLY C 83 -37.10 8.42 -1.28
CA GLY C 83 -36.22 8.09 -2.42
C GLY C 83 -35.49 6.79 -2.17
N GLY C 84 -35.79 6.13 -1.05
CA GLY C 84 -35.15 4.85 -0.69
C GLY C 84 -35.64 3.65 -1.47
N SER C 85 -34.78 2.64 -1.63
CA SER C 85 -35.21 1.35 -2.23
C SER C 85 -36.07 0.64 -1.17
N GLU C 86 -36.92 -0.31 -1.57
CA GLU C 86 -37.84 -0.92 -0.56
C GLU C 86 -37.05 -1.64 0.54
N ASN C 87 -37.51 -1.54 1.79
CA ASN C 87 -36.82 -2.19 2.95
C ASN C 87 -35.43 -1.58 3.15
N ALA C 88 -35.21 -0.41 2.55
CA ALA C 88 -33.90 0.29 2.70
C ALA C 88 -33.69 0.77 4.14
N THR C 89 -34.74 1.28 4.79
CA THR C 89 -34.63 1.77 6.18
C THR C 89 -33.86 0.73 7.00
N ASN C 90 -33.91 -0.52 6.57
CA ASN C 90 -33.24 -1.60 7.30
C ASN C 90 -31.73 -1.49 7.24
N LEU C 91 -31.20 -0.74 6.28
CA LEU C 91 -29.76 -0.67 6.04
C LEU C 91 -29.05 0.38 6.88
N PHE C 92 -29.78 1.12 7.72
CA PHE C 92 -29.22 2.26 8.43
C PHE C 92 -29.39 2.11 9.94
N LEU C 93 -28.40 2.62 10.67
CA LEU C 93 -28.46 2.70 12.12
C LEU C 93 -27.86 4.01 12.57
N LEU C 94 -28.40 4.54 13.68
CA LEU C 94 -27.83 5.69 14.37
C LEU C 94 -27.57 5.28 15.81
N GLU C 95 -26.31 5.41 16.24
CA GLU C 95 -25.93 4.95 17.56
C GLU C 95 -25.22 6.07 18.32
N LEU C 96 -25.56 6.21 19.60
CA LEU C 96 -24.84 7.13 20.47
C LEU C 96 -23.58 6.45 21.01
N LEU C 97 -22.49 7.20 21.04
CA LEU C 97 -21.18 6.66 21.42
C LEU C 97 -20.72 7.13 22.79
N GLY C 98 -21.44 8.03 23.45
CA GLY C 98 -20.98 8.61 24.69
C GLY C 98 -20.24 9.91 24.46
N ALA C 99 -20.20 10.73 25.52
CA ALA C 99 -19.50 12.02 25.51
C ALA C 99 -19.95 12.89 24.34
N GLY C 100 -21.26 12.95 24.12
CA GLY C 100 -21.81 13.89 23.16
C GLY C 100 -21.62 13.52 21.71
N GLU C 101 -21.22 12.30 21.41
CA GLU C 101 -20.94 11.88 20.04
C GLU C 101 -21.94 10.83 19.58
N LEU C 102 -22.07 10.72 18.27
CA LEU C 102 -22.92 9.69 17.67
C LEU C 102 -22.30 9.25 16.35
N ALA C 103 -22.73 8.08 15.88
CA ALA C 103 -22.24 7.53 14.63
C ALA C 103 -23.43 7.10 13.77
N LEU C 104 -23.25 7.22 12.46
CA LEU C 104 -24.23 6.78 11.48
C LEU C 104 -23.62 5.65 10.66
N THR C 105 -24.37 4.56 10.49
CA THR C 105 -23.86 3.37 9.83
C THR C 105 -24.82 2.93 8.74
N MET C 106 -24.25 2.47 7.62
CA MET C 106 -25.02 1.96 6.49
C MET C 106 -24.38 0.67 6.00
N ARG C 107 -25.20 -0.38 5.87
CA ARG C 107 -24.74 -1.59 5.18
C ARG C 107 -24.45 -1.24 3.73
N SER C 108 -23.29 -1.67 3.24
CA SER C 108 -22.79 -1.20 1.96
C SER C 108 -22.74 -2.29 0.90
N LYS C 109 -23.35 -3.46 1.16
CA LYS C 109 -23.40 -4.53 0.18
C LYS C 109 -24.78 -4.66 -0.46
N LYS C 110 -25.68 -3.72 -0.19
CA LYS C 110 -26.97 -3.67 -0.87
C LYS C 110 -27.30 -2.21 -1.15
N LEU C 111 -27.80 -1.94 -2.34
CA LEU C 111 -28.07 -0.57 -2.75
C LEU C 111 -29.28 -0.01 -2.00
N PRO C 112 -29.14 1.16 -1.36
CA PRO C 112 -30.29 1.76 -0.67
C PRO C 112 -31.19 2.59 -1.58
N ILE C 113 -30.89 2.65 -2.88
CA ILE C 113 -31.68 3.39 -3.84
C ILE C 113 -31.90 2.50 -5.06
N ASN C 114 -33.14 2.50 -5.56
CA ASN C 114 -33.45 1.70 -6.77
C ASN C 114 -32.86 2.43 -7.97
N VAL C 115 -32.10 1.71 -8.80
CA VAL C 115 -31.46 2.30 -10.01
C VAL C 115 -31.61 1.30 -11.17
N THR C 116 -31.35 1.74 -12.40
CA THR C 116 -31.53 0.84 -13.58
C THR C 116 -30.54 -0.32 -13.47
N THR C 117 -30.97 -1.53 -13.81
CA THR C 117 -30.03 -2.68 -13.79
C THR C 117 -28.94 -2.49 -14.85
N GLY C 118 -29.29 -2.01 -16.04
CA GLY C 118 -28.31 -1.88 -17.13
C GLY C 118 -27.21 -0.89 -16.83
N GLU C 119 -27.55 0.27 -16.27
CA GLU C 119 -26.54 1.32 -15.97
C GLU C 119 -26.79 1.83 -14.56
N GLU C 120 -25.86 2.58 -13.98
CA GLU C 120 -26.01 3.08 -12.58
C GLU C 120 -25.73 1.93 -11.61
N GLN C 121 -25.16 0.84 -12.12
CA GLN C 121 -24.87 -0.34 -11.26
C GLN C 121 -23.85 0.09 -10.20
N GLN C 122 -22.88 0.92 -10.59
CA GLN C 122 -21.86 1.41 -9.63
C GLN C 122 -22.30 2.77 -9.09
N VAL C 123 -22.65 2.83 -7.80
CA VAL C 123 -22.99 4.11 -7.20
C VAL C 123 -21.95 4.41 -6.14
N SER C 124 -21.64 5.70 -5.98
CA SER C 124 -20.65 6.14 -5.01
C SER C 124 -21.29 7.15 -4.06
N LEU C 125 -20.97 7.02 -2.78
CA LEU C 125 -21.41 7.98 -1.79
C LEU C 125 -20.52 9.21 -1.84
N GLU C 126 -21.13 10.39 -1.99
CA GLU C 126 -20.38 11.63 -2.10
C GLU C 126 -20.29 12.40 -0.78
N SER C 127 -21.40 12.51 -0.05
CA SER C 127 -21.39 13.22 1.21
C SER C 127 -22.60 12.80 2.04
N VAL C 128 -22.56 13.14 3.33
CA VAL C 128 -23.64 12.90 4.26
C VAL C 128 -23.94 14.20 5.00
N ASP C 129 -25.21 14.60 5.02
CA ASP C 129 -25.67 15.78 5.75
C ASP C 129 -26.51 15.34 6.94
N VAL C 130 -26.19 15.85 8.11
CA VAL C 130 -26.86 15.49 9.35
C VAL C 130 -27.46 16.74 9.97
N TYR C 131 -28.75 16.70 10.29
CA TYR C 131 -29.49 17.84 10.84
C TYR C 131 -29.93 17.54 12.26
N PHE C 132 -29.66 18.47 13.17
CA PHE C 132 -29.77 18.26 14.61
C PHE C 132 -30.37 19.50 15.24
N GLN C 133 -31.54 19.38 15.84
CA GLN C 133 -32.23 20.50 16.48
C GLN C 133 -32.45 20.18 17.95
N ASP C 134 -31.89 20.99 18.82
CA ASP C 134 -31.89 20.74 20.26
C ASP C 134 -33.16 21.30 20.90
N VAL C 135 -33.18 21.35 22.24
CA VAL C 135 -34.38 21.80 22.96
C VAL C 135 -34.53 23.32 22.86
N PHE C 136 -33.43 24.04 22.65
CA PHE C 136 -33.50 25.48 22.47
C PHE C 136 -33.99 25.88 21.07
N GLY C 137 -34.15 24.92 20.17
CA GLY C 137 -34.57 25.22 18.82
C GLY C 137 -33.43 25.58 17.88
N THR C 138 -32.19 25.47 18.31
CA THR C 138 -31.04 25.74 17.45
C THR C 138 -30.83 24.58 16.48
N MET C 139 -30.62 24.91 15.21
CA MET C 139 -30.45 23.92 14.15
C MET C 139 -28.96 23.71 13.89
N TRP C 140 -28.46 22.53 14.24
CA TRP C 140 -27.07 22.15 14.00
C TRP C 140 -26.97 21.28 12.76
N CYS C 141 -25.94 21.52 11.96
CA CYS C 141 -25.74 20.79 10.71
C CYS C 141 -24.30 20.31 10.61
N HIS C 142 -24.14 19.09 10.14
CA HIS C 142 -22.84 18.48 9.89
C HIS C 142 -22.76 18.02 8.45
N HIS C 143 -21.74 18.47 7.73
CA HIS C 143 -21.49 18.06 6.35
C HIS C 143 -20.21 17.25 6.33
N ALA C 144 -20.33 15.96 6.01
CA ALA C 144 -19.18 15.06 5.92
C ALA C 144 -19.02 14.63 4.47
N GLU C 145 -17.87 14.94 3.89
CA GLU C 145 -17.61 14.68 2.47
C GLU C 145 -16.68 13.49 2.34
N MET C 146 -16.98 12.59 1.39
CA MET C 146 -16.12 11.39 1.16
C MET C 146 -14.83 11.81 0.45
N GLN C 147 -13.71 11.86 1.18
CA GLN C 147 -12.40 12.26 0.59
C GLN C 147 -11.94 11.29 -0.49
N ASN C 148 -12.11 9.98 -0.29
CA ASN C 148 -11.60 8.97 -1.25
C ASN C 148 -12.66 7.89 -1.44
N PRO C 149 -13.75 8.15 -2.18
CA PRO C 149 -14.86 7.20 -2.28
C PRO C 149 -14.54 6.04 -3.22
N VAL C 150 -15.31 4.97 -3.05
CA VAL C 150 -15.28 3.82 -3.94
C VAL C 150 -16.70 3.55 -4.41
N TYR C 151 -16.82 2.80 -5.49
CA TYR C 151 -18.13 2.39 -5.95
C TYR C 151 -18.70 1.31 -5.06
N LEU C 152 -19.99 1.44 -4.72
CA LEU C 152 -20.66 0.43 -3.91
C LEU C 152 -20.93 -0.82 -4.75
N ILE C 153 -20.42 -1.95 -4.29
CA ILE C 153 -20.50 -3.21 -5.03
C ILE C 153 -21.43 -4.15 -4.27
N PRO C 154 -22.64 -4.40 -4.77
CA PRO C 154 -23.54 -5.32 -4.08
C PRO C 154 -23.00 -6.75 -4.06
N GLU C 155 -23.47 -7.52 -3.08
CA GLU C 155 -23.11 -8.93 -2.87
C GLU C 155 -21.60 -9.01 -2.60
N THR C 156 -20.85 -9.88 -3.28
CA THR C 156 -19.43 -10.09 -3.02
C THR C 156 -19.19 -10.46 -1.55
N VAL C 157 -19.91 -11.48 -1.10
CA VAL C 157 -19.86 -11.89 0.31
C VAL C 157 -19.65 -13.40 0.42
N PRO C 158 -18.46 -13.92 0.09
CA PRO C 158 -18.22 -15.35 0.27
C PRO C 158 -18.08 -15.72 1.75
N TYR C 159 -18.47 -16.95 2.06
CA TYR C 159 -18.39 -17.47 3.42
C TYR C 159 -16.95 -17.91 3.71
N ILE C 160 -16.38 -17.37 4.79
CA ILE C 160 -14.96 -17.54 5.11
C ILE C 160 -14.84 -18.17 6.48
N LYS C 161 -14.02 -19.21 6.57
CA LYS C 161 -13.68 -19.84 7.85
C LYS C 161 -12.23 -20.29 7.81
N TRP C 162 -11.54 -20.13 8.93
CA TRP C 162 -10.12 -20.48 9.04
C TRP C 162 -10.07 -21.86 9.70
N ASP C 163 -9.17 -22.71 9.20
CA ASP C 163 -9.25 -24.14 9.48
C ASP C 163 -8.60 -24.55 10.80
N ASN C 164 -7.41 -24.02 11.09
CA ASN C 164 -6.61 -24.48 12.23
C ASN C 164 -6.37 -23.29 13.17
N CYS C 165 -7.34 -22.99 14.03
CA CYS C 165 -7.12 -21.91 15.03
C CYS C 165 -7.56 -22.38 16.42
N ASN C 166 -6.67 -22.29 17.42
CA ASN C 166 -7.06 -22.83 18.74
C ASN C 166 -8.28 -22.01 19.22
N SER C 167 -9.33 -22.68 19.69
CA SER C 167 -10.55 -21.97 20.19
C SER C 167 -10.30 -21.33 21.56
N THR C 168 -10.91 -20.17 21.84
CA THR C 168 -10.82 -19.57 23.20
C THR C 168 -12.25 -19.36 23.74
N ASN C 169 -12.50 -19.75 24.98
CA ASN C 169 -13.83 -19.54 25.61
C ASN C 169 -14.04 -18.04 25.85
N ILE C 170 -13.02 -17.23 25.61
CA ILE C 170 -13.13 -15.78 25.80
C ILE C 170 -14.04 -15.21 24.72
N THR C 171 -15.01 -14.40 25.15
CA THR C 171 -15.92 -13.70 24.24
C THR C 171 -15.56 -12.21 24.26
N ALA C 172 -15.38 -11.64 23.07
CA ALA C 172 -15.09 -10.22 22.96
C ALA C 172 -16.39 -9.43 22.90
N VAL C 173 -16.52 -8.45 23.80
CA VAL C 173 -17.70 -7.60 23.88
C VAL C 173 -17.40 -6.28 23.20
N VAL C 174 -18.37 -5.77 22.44
CA VAL C 174 -18.26 -4.47 21.79
C VAL C 174 -19.17 -3.48 22.51
N ARG C 175 -18.61 -2.34 22.87
CA ARG C 175 -19.37 -1.25 23.48
C ARG C 175 -19.13 0.02 22.68
N ALA C 176 -20.21 0.65 22.23
CA ALA C 176 -20.15 1.89 21.46
C ALA C 176 -19.19 1.73 20.28
N GLN C 177 -19.40 0.66 19.51
CA GLN C 177 -18.65 0.29 18.32
C GLN C 177 -17.22 -0.14 18.60
N GLY C 178 -16.77 -0.11 19.86
CA GLY C 178 -15.38 -0.41 20.20
C GLY C 178 -15.23 -1.77 20.84
N LEU C 179 -14.34 -2.57 20.28
CA LEU C 179 -14.03 -3.90 20.80
C LEU C 179 -12.90 -3.81 21.81
N ASP C 180 -13.01 -4.59 22.89
CA ASP C 180 -11.99 -4.64 23.93
C ASP C 180 -11.88 -6.08 24.43
N VAL C 181 -10.71 -6.68 24.23
CA VAL C 181 -10.49 -8.06 24.63
C VAL C 181 -9.03 -8.21 25.03
N THR C 182 -8.78 -9.08 26.02
CA THR C 182 -7.43 -9.42 26.45
C THR C 182 -7.26 -10.92 26.30
N LEU C 183 -6.20 -11.32 25.61
CA LEU C 183 -5.94 -12.73 25.33
C LEU C 183 -4.61 -13.15 25.96
N PRO C 184 -4.62 -13.98 27.00
CA PRO C 184 -3.37 -14.57 27.46
C PRO C 184 -2.78 -15.47 26.39
N LEU C 185 -1.46 -15.50 26.32
CA LEU C 185 -0.79 -16.35 25.34
C LEU C 185 0.59 -16.72 25.86
N SER C 186 1.19 -17.71 25.20
CA SER C 186 2.52 -18.18 25.55
C SER C 186 3.37 -18.28 24.30
N LEU C 187 4.62 -17.83 24.41
CA LEU C 187 5.59 -17.92 23.33
C LEU C 187 6.85 -18.58 23.86
N PRO C 188 7.57 -19.31 23.00
CA PRO C 188 8.86 -19.88 23.45
C PRO C 188 9.95 -18.84 23.60
N THR C 189 9.76 -17.66 23.01
CA THR C 189 10.78 -16.62 23.00
C THR C 189 10.63 -15.72 24.21
N SER C 190 11.76 -15.42 24.85
CA SER C 190 11.78 -14.41 25.90
C SER C 190 11.51 -13.02 25.28
N ALA C 191 11.21 -12.06 26.15
CA ALA C 191 10.88 -10.72 25.68
C ALA C 191 12.08 -10.08 24.99
N GLN C 192 13.29 -10.31 25.52
CA GLN C 192 14.48 -9.68 24.96
C GLN C 192 14.74 -10.11 23.53
N ASP C 193 14.54 -11.40 23.23
CA ASP C 193 14.90 -11.98 21.95
C ASP C 193 13.65 -12.31 21.12
N SER C 194 12.65 -11.45 21.16
CA SER C 194 11.39 -11.68 20.48
C SER C 194 11.10 -10.57 19.46
N ASN C 195 10.57 -10.97 18.31
CA ASN C 195 9.93 -10.06 17.36
C ASN C 195 8.48 -10.48 17.25
N PHE C 196 7.57 -9.63 17.72
CA PHE C 196 6.15 -9.98 17.83
C PHE C 196 5.36 -9.27 16.75
N SER C 197 4.47 -10.02 16.09
CA SER C 197 3.54 -9.49 15.12
C SER C 197 2.18 -10.12 15.34
N VAL C 198 1.13 -9.36 15.06
CA VAL C 198 -0.25 -9.84 15.18
C VAL C 198 -1.10 -9.23 14.06
N LYS C 199 -2.02 -10.02 13.53
CA LYS C 199 -3.04 -9.58 12.58
C LYS C 199 -4.38 -10.13 13.06
N THR C 200 -5.46 -9.40 12.79
CA THR C 200 -6.78 -9.85 13.18
C THR C 200 -7.74 -9.81 12.00
N GLU C 201 -8.84 -10.54 12.13
CA GLU C 201 -9.90 -10.56 11.14
C GLU C 201 -11.21 -10.78 11.87
N MET C 202 -12.24 -10.00 11.51
CA MET C 202 -13.56 -10.13 12.11
C MET C 202 -14.57 -10.44 11.02
N LEU C 203 -15.25 -11.57 11.15
CA LEU C 203 -16.15 -12.08 10.13
C LEU C 203 -17.54 -12.29 10.71
N GLY C 204 -18.55 -11.82 10.00
CA GLY C 204 -19.92 -12.03 10.42
C GLY C 204 -20.91 -11.39 9.47
N ASN C 205 -22.04 -12.06 9.23
CA ASN C 205 -23.07 -11.55 8.33
C ASN C 205 -22.47 -11.17 6.99
N GLU C 206 -22.53 -9.89 6.63
CA GLU C 206 -22.02 -9.40 5.34
C GLU C 206 -20.69 -8.66 5.46
N ILE C 207 -20.01 -8.76 6.61
CA ILE C 207 -18.91 -7.86 6.94
C ILE C 207 -17.63 -8.68 7.17
N ASP C 208 -16.52 -8.16 6.66
CA ASP C 208 -15.19 -8.76 6.84
C ASP C 208 -14.19 -7.64 7.08
N ILE C 209 -13.70 -7.52 8.30
CA ILE C 209 -12.75 -6.48 8.68
C ILE C 209 -11.38 -7.11 8.90
N GLU C 210 -10.34 -6.48 8.37
CA GLU C 210 -8.97 -6.88 8.60
C GLU C 210 -8.23 -5.76 9.32
N CYS C 211 -7.40 -6.13 10.29
CA CYS C 211 -6.55 -5.18 11.00
C CYS C 211 -5.13 -5.70 11.03
N ILE C 212 -4.17 -4.81 10.82
CA ILE C 212 -2.75 -5.16 10.78
C ILE C 212 -1.96 -4.09 11.53
N MET C 213 -0.70 -4.41 11.85
CA MET C 213 0.26 -3.42 12.31
C MET C 213 0.95 -2.80 11.10
N GLU C 214 0.77 -1.50 10.89
CA GLU C 214 1.40 -0.84 9.75
C GLU C 214 2.93 -0.86 9.87
N ASP C 215 3.45 -1.02 11.08
CA ASP C 215 4.88 -1.16 11.30
C ASP C 215 5.36 -2.60 11.20
N GLY C 216 4.46 -3.55 10.91
CA GLY C 216 4.85 -4.92 10.69
C GLY C 216 4.97 -5.74 11.96
N GLU C 217 5.94 -5.40 12.81
CA GLU C 217 6.17 -6.16 14.03
C GLU C 217 6.72 -5.23 15.11
N ILE C 218 6.56 -5.64 16.36
CA ILE C 218 7.08 -4.88 17.48
C ILE C 218 8.60 -4.85 17.48
N SER C 219 9.25 -5.78 16.77
CA SER C 219 10.70 -5.96 16.80
C SER C 219 11.04 -6.28 18.25
N GLN C 220 12.05 -5.67 18.86
CA GLN C 220 12.45 -6.05 20.21
C GLN C 220 11.35 -5.71 21.22
N VAL C 221 10.92 -6.71 21.98
CA VAL C 221 9.88 -6.57 22.98
C VAL C 221 10.51 -6.17 24.31
N LEU C 222 9.86 -5.27 25.02
CA LEU C 222 10.40 -4.77 26.26
C LEU C 222 9.64 -5.33 27.45
N PRO C 223 10.28 -5.45 28.61
CA PRO C 223 9.54 -5.81 29.82
C PRO C 223 8.47 -4.78 30.12
N GLY C 224 7.33 -5.25 30.61
CA GLY C 224 6.20 -4.38 30.86
C GLY C 224 5.30 -4.23 29.64
N ASP C 225 4.67 -3.06 29.51
CA ASP C 225 3.70 -2.82 28.45
C ASP C 225 4.39 -2.39 27.16
N ASN C 226 3.92 -2.95 26.04
CA ASN C 226 4.38 -2.57 24.71
C ASN C 226 3.15 -2.17 23.89
N LYS C 227 2.88 -0.87 23.84
CA LYS C 227 1.74 -0.36 23.07
C LYS C 227 2.14 -0.19 21.60
N PHE C 228 1.15 -0.37 20.72
CA PHE C 228 1.38 -0.25 19.28
C PHE C 228 0.07 0.03 18.58
N ASN C 229 0.14 0.72 17.44
CA ASN C 229 -1.06 0.99 16.66
C ASN C 229 -1.44 -0.22 15.81
N ILE C 230 -2.72 -0.32 15.51
CA ILE C 230 -3.23 -1.24 14.51
C ILE C 230 -4.12 -0.46 13.56
N THR C 231 -4.07 -0.79 12.27
CA THR C 231 -4.88 -0.13 11.26
C THR C 231 -5.87 -1.14 10.69
N CYS C 232 -7.15 -0.82 10.77
CA CYS C 232 -8.21 -1.70 10.30
C CYS C 232 -8.75 -1.18 8.98
N SER C 233 -9.20 -2.11 8.15
CA SER C 233 -9.84 -1.73 6.89
C SER C 233 -11.16 -1.03 7.16
N GLY C 234 -11.43 0.01 6.38
CA GLY C 234 -12.72 0.66 6.45
C GLY C 234 -12.64 2.13 6.76
N TYR C 235 -13.77 2.70 7.17
CA TYR C 235 -13.86 4.13 7.45
C TYR C 235 -13.39 4.36 8.87
N GLU C 236 -12.37 5.19 9.03
CA GLU C 236 -11.62 5.26 10.27
C GLU C 236 -12.27 6.22 11.26
N SER C 237 -12.28 5.81 12.52
CA SER C 237 -12.74 6.64 13.62
C SER C 237 -11.64 7.59 14.07
N HIS C 238 -12.05 8.70 14.68
CA HIS C 238 -11.07 9.66 15.19
C HIS C 238 -10.31 9.13 16.39
N VAL C 239 -10.79 8.07 17.04
CA VAL C 239 -10.05 7.36 18.07
C VAL C 239 -9.30 6.21 17.41
N PRO C 240 -7.97 6.19 17.46
CA PRO C 240 -7.23 5.12 16.79
C PRO C 240 -7.42 3.78 17.48
N SER C 241 -7.40 2.72 16.67
CA SER C 241 -7.34 1.36 17.19
C SER C 241 -5.94 1.08 17.74
N GLY C 242 -5.88 0.21 18.75
CA GLY C 242 -4.64 -0.01 19.45
C GLY C 242 -4.48 -1.45 19.91
N GLY C 243 -3.27 -1.75 20.34
CA GLY C 243 -2.96 -3.04 20.94
C GLY C 243 -1.87 -2.85 21.96
N ILE C 244 -1.87 -3.72 22.97
CA ILE C 244 -0.85 -3.72 24.01
C ILE C 244 -0.39 -5.15 24.24
N LEU C 245 0.92 -5.38 24.14
CA LEU C 245 1.52 -6.65 24.51
C LEU C 245 2.24 -6.45 25.84
N THR C 246 1.82 -7.20 26.86
CA THR C 246 2.37 -7.08 28.21
C THR C 246 3.18 -8.32 28.53
N SER C 247 4.45 -8.14 28.88
CA SER C 247 5.33 -9.23 29.23
C SER C 247 5.46 -9.33 30.75
N THR C 248 5.51 -10.55 31.25
CA THR C 248 5.71 -10.76 32.67
C THR C 248 7.18 -10.55 33.04
N SER C 249 7.42 -10.29 34.32
CA SER C 249 8.78 -10.16 34.80
C SER C 249 9.45 -11.53 34.90
N PRO C 250 10.77 -11.60 34.68
CA PRO C 250 11.52 -12.85 34.84
C PRO C 250 11.40 -13.43 36.24
N PRO C 256 13.10 -21.08 34.29
CA PRO C 256 12.54 -22.42 34.45
C PRO C 256 12.17 -23.06 33.11
N GLY C 257 11.66 -24.29 33.15
CA GLY C 257 11.23 -24.95 31.92
C GLY C 257 9.92 -24.47 31.36
N THR C 258 9.18 -23.67 32.12
CA THR C 258 7.91 -23.15 31.65
C THR C 258 8.13 -22.12 30.54
N GLY C 259 7.05 -21.87 29.78
CA GLY C 259 7.12 -20.90 28.71
C GLY C 259 7.10 -19.48 29.22
N TYR C 260 7.07 -18.54 28.28
CA TYR C 260 7.03 -17.12 28.60
C TYR C 260 5.61 -16.60 28.39
N ALA C 261 5.04 -16.03 29.45
CA ALA C 261 3.64 -15.61 29.44
C ALA C 261 3.51 -14.15 29.02
N TYR C 262 2.46 -13.88 28.24
CA TYR C 262 2.13 -12.53 27.80
C TYR C 262 0.62 -12.35 27.83
N SER C 263 0.20 -11.10 27.89
CA SER C 263 -1.19 -10.72 27.71
C SER C 263 -1.28 -9.78 26.52
N LEU C 264 -2.18 -10.08 25.59
CA LEU C 264 -2.38 -9.28 24.40
C LEU C 264 -3.77 -8.64 24.47
N ARG C 265 -3.81 -7.32 24.56
CA ARG C 265 -5.05 -6.57 24.58
C ARG C 265 -5.20 -5.86 23.24
N LEU C 266 -6.38 -6.01 22.62
CA LEU C 266 -6.66 -5.44 21.30
C LEU C 266 -7.91 -4.58 21.38
N THR C 267 -7.84 -3.36 20.83
CA THR C 267 -8.97 -2.42 20.83
C THR C 267 -9.22 -1.88 19.43
N PRO C 268 -9.72 -2.72 18.51
CA PRO C 268 -10.11 -2.22 17.18
C PRO C 268 -11.39 -1.40 17.29
N ARG C 269 -11.31 -0.14 16.81
CA ARG C 269 -12.28 0.88 17.21
C ARG C 269 -13.59 0.90 16.42
N PRO C 270 -13.58 0.88 15.08
CA PRO C 270 -14.89 0.89 14.35
C PRO C 270 -15.50 -0.48 14.04
N VAL C 271 -16.16 -1.09 15.02
CA VAL C 271 -16.77 -2.42 14.87
C VAL C 271 -18.28 -2.29 14.99
N SER C 272 -18.99 -2.60 13.91
CA SER C 272 -20.42 -2.37 13.77
C SER C 272 -21.23 -3.60 14.09
N ARG C 273 -22.32 -3.41 14.84
CA ARG C 273 -23.18 -4.51 15.26
C ARG C 273 -23.91 -5.13 14.08
N PHE C 274 -23.77 -4.55 12.89
CA PHE C 274 -24.22 -5.22 11.68
C PHE C 274 -23.49 -6.54 11.47
N LEU C 275 -22.34 -6.73 12.11
CA LEU C 275 -21.65 -8.02 12.07
C LEU C 275 -22.52 -9.13 12.62
N GLY C 276 -23.33 -8.82 13.62
CA GLY C 276 -24.22 -9.78 14.24
C GLY C 276 -23.64 -10.37 15.51
N ASN C 277 -24.55 -10.85 16.36
CA ASN C 277 -24.11 -11.54 17.59
C ASN C 277 -23.45 -12.85 17.18
N ASN C 278 -22.39 -13.23 17.87
CA ASN C 278 -21.64 -14.46 17.61
C ASN C 278 -20.99 -14.47 16.23
N SER C 279 -20.57 -13.30 15.75
CA SER C 279 -19.55 -13.26 14.72
C SER C 279 -18.22 -13.74 15.32
N ILE C 280 -17.18 -13.83 14.51
CA ILE C 280 -15.93 -14.46 14.94
C ILE C 280 -14.79 -13.47 14.80
N LEU C 281 -13.99 -13.36 15.85
CA LEU C 281 -12.73 -12.64 15.80
C LEU C 281 -11.59 -13.65 15.69
N TYR C 282 -10.81 -13.54 14.60
CA TYR C 282 -9.62 -14.36 14.41
C TYR C 282 -8.39 -13.53 14.77
N VAL C 283 -7.49 -14.11 15.55
CA VAL C 283 -6.25 -13.45 15.93
C VAL C 283 -5.09 -14.34 15.50
N PHE C 284 -4.29 -13.85 14.57
CA PHE C 284 -3.12 -14.56 14.08
C PHE C 284 -1.88 -13.80 14.53
N TYR C 285 -1.01 -14.47 15.27
CA TYR C 285 0.19 -13.82 15.80
C TYR C 285 1.38 -14.76 15.64
N SER C 286 2.57 -14.18 15.78
CA SER C 286 3.80 -14.93 15.59
C SER C 286 4.89 -14.30 16.44
N GLY C 287 5.66 -15.15 17.11
CA GLY C 287 6.83 -14.71 17.85
C GLY C 287 8.12 -15.28 17.32
N ASN C 288 8.96 -14.44 16.75
CA ASN C 288 10.21 -14.88 16.15
C ASN C 288 11.46 -14.74 17.01
N GLY C 289 12.16 -15.86 17.23
CA GLY C 289 13.33 -15.85 18.08
C GLY C 289 14.60 -15.65 17.27
N GLY C 295 7.59 -19.40 13.80
CA GLY C 295 6.37 -20.16 13.93
C GLY C 295 5.12 -19.36 13.62
N ASP C 296 3.98 -19.81 14.14
CA ASP C 296 2.71 -19.13 13.92
C ASP C 296 1.67 -19.73 14.86
N TYR C 297 0.77 -18.85 15.31
CA TYR C 297 -0.33 -19.27 16.23
C TYR C 297 -1.60 -18.53 15.82
N CYS C 298 -2.75 -19.21 15.90
CA CYS C 298 -4.04 -18.60 15.59
C CYS C 298 -5.03 -18.91 16.69
N ILE C 299 -5.70 -17.87 17.19
CA ILE C 299 -6.73 -17.98 18.22
C ILE C 299 -8.02 -17.41 17.64
N GLN C 300 -9.15 -18.05 17.93
CA GLN C 300 -10.45 -17.55 17.50
C GLN C 300 -11.38 -17.41 18.69
N SER C 301 -12.22 -16.38 18.65
CA SER C 301 -13.12 -16.09 19.75
C SER C 301 -14.42 -15.49 19.20
N ASN C 302 -15.49 -15.66 19.95
CA ASN C 302 -16.78 -15.08 19.57
C ASN C 302 -16.85 -13.62 19.99
N ILE C 303 -17.67 -12.86 19.28
CA ILE C 303 -17.87 -11.45 19.57
C ILE C 303 -19.36 -11.17 19.71
N VAL C 304 -19.72 -10.43 20.76
CA VAL C 304 -21.10 -10.07 21.03
C VAL C 304 -21.16 -8.55 21.21
N PHE C 305 -22.35 -8.00 20.98
CA PHE C 305 -22.55 -6.56 20.97
C PHE C 305 -23.43 -6.16 22.15
N SER C 306 -22.87 -5.38 23.06
CA SER C 306 -23.63 -4.92 24.22
C SER C 306 -24.77 -4.02 23.77
N ASP C 307 -25.94 -4.25 24.36
CA ASP C 307 -27.10 -3.40 24.15
C ASP C 307 -27.24 -2.33 25.21
N GLU C 308 -26.30 -2.23 26.13
CA GLU C 308 -26.38 -1.26 27.22
C GLU C 308 -26.22 0.16 26.69
N ILE C 309 -26.97 1.08 27.31
CA ILE C 309 -26.87 2.51 27.01
C ILE C 309 -25.59 3.03 27.66
N PRO C 310 -24.83 3.91 27.01
CA PRO C 310 -23.59 4.41 27.63
C PRO C 310 -23.79 5.11 28.97
N ALA C 311 -24.92 5.80 29.14
CA ALA C 311 -25.26 6.51 30.38
C ALA C 311 -24.28 7.65 30.66
N SER C 312 -23.37 7.89 29.73
CA SER C 312 -22.45 9.02 29.77
C SER C 312 -22.50 9.78 28.46
N GLN C 313 -23.71 9.99 27.94
CA GLN C 313 -23.86 10.69 26.67
C GLN C 313 -23.63 12.19 26.79
N ASP C 314 -23.62 12.73 28.00
CA ASP C 314 -23.43 14.16 28.19
C ASP C 314 -22.11 14.62 27.58
N MET C 315 -22.13 15.79 26.97
CA MET C 315 -20.91 16.37 26.44
C MET C 315 -19.99 16.79 27.59
N PRO C 316 -18.69 16.91 27.32
CA PRO C 316 -17.78 17.37 28.39
C PRO C 316 -18.14 18.76 28.88
N THR C 317 -17.91 18.98 30.18
CA THR C 317 -18.33 20.21 30.85
C THR C 317 -17.15 20.81 31.61
N ASN C 318 -17.34 22.06 32.03
CA ASN C 318 -16.39 22.79 32.86
C ASN C 318 -17.14 23.29 34.08
N THR C 319 -16.82 22.74 35.24
CA THR C 319 -17.54 23.03 36.48
C THR C 319 -16.76 24.05 37.31
N THR C 320 -17.47 25.07 37.78
CA THR C 320 -16.87 26.18 38.49
C THR C 320 -17.85 26.68 39.54
N ASP C 321 -17.32 27.20 40.65
CA ASP C 321 -18.10 27.67 41.78
C ASP C 321 -18.15 29.19 41.80
N ILE C 322 -19.33 29.74 42.07
CA ILE C 322 -19.54 31.19 42.21
C ILE C 322 -20.23 31.44 43.54
N THR C 323 -19.61 32.27 44.39
CA THR C 323 -20.18 32.64 45.67
C THR C 323 -20.76 34.05 45.57
N TYR C 324 -21.97 34.23 46.08
CA TYR C 324 -22.68 35.50 45.98
C TYR C 324 -23.20 35.92 47.35
N VAL C 325 -23.67 37.17 47.42
CA VAL C 325 -24.28 37.72 48.62
C VAL C 325 -25.60 38.37 48.23
N GLY C 326 -26.62 38.19 49.07
CA GLY C 326 -27.92 38.76 48.80
C GLY C 326 -28.69 37.79 47.92
N ASP C 327 -29.31 38.30 46.87
CA ASP C 327 -30.06 37.52 45.91
C ASP C 327 -29.72 37.76 44.38
N ASN C 328 -28.53 38.37 44.23
CA ASN C 328 -28.05 38.67 42.86
C ASN C 328 -26.67 38.04 42.72
N ALA C 329 -26.38 37.50 41.55
CA ALA C 329 -25.12 36.82 41.25
C ALA C 329 -24.77 37.04 39.79
N THR C 330 -23.47 37.09 39.51
CA THR C 330 -22.95 37.37 38.18
C THR C 330 -21.93 36.32 37.77
N TYR C 331 -21.86 36.07 36.46
CA TYR C 331 -20.88 35.15 35.91
C TYR C 331 -20.52 35.60 34.49
N SER C 332 -19.24 35.51 34.16
CA SER C 332 -18.74 35.95 32.86
C SER C 332 -18.35 34.73 32.03
N VAL C 333 -18.95 34.60 30.86
CA VAL C 333 -18.70 33.45 29.98
C VAL C 333 -17.54 33.83 29.05
N PRO C 334 -16.40 33.16 29.14
CA PRO C 334 -15.26 33.51 28.29
C PRO C 334 -15.49 33.07 26.85
N MET C 335 -14.66 33.62 25.97
CA MET C 335 -14.67 33.20 24.58
C MET C 335 -14.24 31.75 24.45
N VAL C 336 -14.80 31.06 23.46
CA VAL C 336 -14.40 29.70 23.16
C VAL C 336 -12.94 29.68 22.67
N THR C 337 -12.26 28.56 22.91
CA THR C 337 -10.85 28.43 22.55
C THR C 337 -10.62 28.78 21.08
N SER C 338 -11.40 28.18 20.18
CA SER C 338 -11.23 28.48 18.76
C SER C 338 -11.89 29.79 18.36
N GLU C 339 -12.81 30.31 19.15
CA GLU C 339 -13.50 31.55 18.82
C GLU C 339 -12.56 32.74 18.97
N ASP C 340 -12.71 33.71 18.06
CA ASP C 340 -11.99 34.97 18.13
C ASP C 340 -12.98 36.12 18.14
N ALA C 341 -12.50 37.29 18.54
CA ALA C 341 -13.29 38.50 18.40
C ALA C 341 -13.59 38.73 16.92
N ASN C 342 -14.77 39.30 16.66
CA ASN C 342 -15.43 39.51 15.35
C ASN C 342 -16.00 38.23 14.75
N SER C 343 -16.14 37.16 15.53
CA SER C 343 -16.78 35.96 15.03
C SER C 343 -18.20 36.27 14.59
N PRO C 344 -18.61 35.85 13.38
CA PRO C 344 -19.90 36.33 12.84
C PRO C 344 -21.12 35.95 13.67
N ASN C 345 -21.15 34.72 14.20
CA ASN C 345 -22.24 34.28 15.06
C ASN C 345 -21.68 33.78 16.38
N VAL C 346 -22.27 34.23 17.48
CA VAL C 346 -22.02 33.66 18.80
C VAL C 346 -23.38 33.40 19.45
N THR C 347 -23.57 32.20 20.00
CA THR C 347 -24.81 31.83 20.66
C THR C 347 -24.50 31.32 22.06
N VAL C 348 -25.20 31.86 23.05
CA VAL C 348 -25.08 31.44 24.44
C VAL C 348 -26.45 31.06 24.95
N THR C 349 -26.55 29.89 25.57
CA THR C 349 -27.80 29.38 26.12
C THR C 349 -27.58 29.01 27.58
N ALA C 350 -28.67 28.93 28.33
CA ALA C 350 -28.58 28.61 29.75
C ALA C 350 -29.89 28.01 30.23
N PHE C 351 -29.79 27.08 31.18
CA PHE C 351 -30.95 26.51 31.84
C PHE C 351 -30.53 25.92 33.17
N TRP C 352 -31.48 25.86 34.11
CA TRP C 352 -31.22 25.35 35.45
C TRP C 352 -31.16 23.84 35.44
N ALA C 353 -30.33 23.29 36.34
CA ALA C 353 -30.06 21.87 36.35
C ALA C 353 -31.33 21.06 36.57
N TRP C 354 -31.43 19.95 35.86
CA TRP C 354 -32.57 19.03 35.95
C TRP C 354 -33.91 19.73 35.70
N PRO C 355 -34.11 20.27 34.51
CA PRO C 355 -35.42 20.84 34.17
C PRO C 355 -36.45 19.73 33.94
N ASN C 356 -37.72 20.12 33.95
CA ASN C 356 -38.78 19.14 33.76
C ASN C 356 -39.89 19.58 32.81
N ASN C 357 -39.80 20.77 32.22
CA ASN C 357 -40.81 21.21 31.25
C ASN C 357 -40.08 21.82 30.06
N THR C 358 -40.16 21.15 28.91
CA THR C 358 -39.48 21.65 27.72
C THR C 358 -40.12 22.93 27.18
N GLU C 359 -41.36 23.22 27.56
CA GLU C 359 -42.06 24.38 27.03
C GLU C 359 -41.63 25.69 27.64
N THR C 360 -41.00 25.66 28.83
CA THR C 360 -40.67 26.90 29.52
C THR C 360 -39.22 26.97 29.97
N ASP C 361 -38.59 25.82 30.21
CA ASP C 361 -37.29 25.80 30.86
C ASP C 361 -36.14 26.15 29.93
N PHE C 362 -36.37 26.28 28.64
CA PHE C 362 -35.30 26.50 27.65
C PHE C 362 -35.59 27.73 26.82
N LYS C 363 -35.91 28.84 27.47
CA LYS C 363 -36.22 30.08 26.76
C LYS C 363 -35.05 31.06 26.73
N CYS C 364 -34.00 30.83 27.51
CA CYS C 364 -32.87 31.77 27.58
C CYS C 364 -31.86 31.41 26.50
N LYS C 365 -31.91 32.13 25.39
CA LYS C 365 -30.92 32.00 24.32
C LYS C 365 -30.57 33.40 23.81
N TRP C 366 -29.28 33.66 23.67
CA TRP C 366 -28.79 34.95 23.19
C TRP C 366 -27.92 34.73 21.95
N THR C 367 -28.15 35.52 20.92
CA THR C 367 -27.22 35.65 19.81
C THR C 367 -26.42 36.93 20.01
N LEU C 368 -25.59 37.29 19.03
CA LEU C 368 -24.85 38.54 19.13
C LEU C 368 -25.78 39.74 19.06
N THR C 369 -26.84 39.65 18.24
CA THR C 369 -27.75 40.77 18.01
C THR C 369 -29.23 40.51 18.32
N SER C 370 -29.52 39.75 19.37
CA SER C 370 -30.89 39.42 19.74
C SER C 370 -31.41 40.04 21.04
N GLY C 371 -30.53 40.21 22.02
CA GLY C 371 -30.96 40.61 23.35
C GLY C 371 -31.58 39.49 24.16
N THR C 372 -32.05 39.84 25.34
CA THR C 372 -32.67 38.85 26.23
C THR C 372 -34.09 38.56 25.76
N PRO C 373 -34.43 37.30 25.47
CA PRO C 373 -35.79 36.99 25.03
C PRO C 373 -36.80 37.21 26.14
N SER C 374 -38.04 37.53 25.74
CA SER C 374 -39.09 37.80 26.69
C SER C 374 -39.39 36.60 27.56
N GLY C 375 -39.16 35.40 27.05
CA GLY C 375 -39.47 34.20 27.80
C GLY C 375 -38.43 33.77 28.80
N CYS C 376 -37.36 34.55 29.00
CA CYS C 376 -36.30 34.20 29.94
C CYS C 376 -36.51 34.96 31.25
N GLU C 377 -36.61 34.22 32.35
CA GLU C 377 -37.02 34.75 33.64
C GLU C 377 -35.84 34.81 34.60
N ASN C 378 -35.67 35.97 35.25
CA ASN C 378 -34.67 36.18 36.29
C ASN C 378 -33.24 35.99 35.82
N ILE C 379 -33.00 36.06 34.50
CA ILE C 379 -31.66 36.01 33.94
C ILE C 379 -31.54 37.09 32.89
N SER C 380 -30.43 37.83 32.93
CA SER C 380 -30.12 38.86 31.95
C SER C 380 -28.78 38.55 31.30
N GLY C 381 -28.66 38.84 30.00
CA GLY C 381 -27.42 38.58 29.30
C GLY C 381 -27.05 39.70 28.34
N ALA C 382 -25.76 39.99 28.22
CA ALA C 382 -25.29 41.01 27.30
C ALA C 382 -23.83 40.75 26.98
N PHE C 383 -23.44 41.05 25.74
CA PHE C 383 -22.06 40.89 25.31
C PHE C 383 -21.31 42.18 25.60
N ALA C 384 -20.22 42.07 26.36
CA ALA C 384 -19.32 43.19 26.55
C ALA C 384 -18.32 43.24 25.41
N SER C 385 -17.64 44.39 25.30
CA SER C 385 -16.51 44.48 24.38
C SER C 385 -15.45 43.46 24.81
N ASN C 386 -14.79 42.87 23.81
CA ASN C 386 -13.94 41.68 23.83
C ASN C 386 -14.78 40.40 23.77
N ARG C 387 -16.10 40.51 23.68
CA ARG C 387 -17.02 39.40 23.42
C ARG C 387 -17.18 38.46 24.62
N THR C 388 -16.88 38.93 25.82
CA THR C 388 -17.23 38.19 27.03
C THR C 388 -18.70 38.39 27.33
N PHE C 389 -19.40 37.31 27.65
CA PHE C 389 -20.84 37.35 27.90
C PHE C 389 -21.09 37.33 29.41
N ASP C 390 -21.82 38.33 29.90
CA ASP C 390 -22.07 38.50 31.32
C ASP C 390 -23.49 38.07 31.65
N ILE C 391 -23.63 37.15 32.60
CA ILE C 391 -24.93 36.63 33.04
C ILE C 391 -25.21 37.17 34.43
N THR C 392 -26.42 37.69 34.63
CA THR C 392 -26.89 38.11 35.95
C THR C 392 -28.14 37.30 36.30
N VAL C 393 -28.15 36.76 37.51
CA VAL C 393 -29.32 36.07 38.06
C VAL C 393 -29.75 36.83 39.31
N SER C 394 -31.05 37.10 39.43
CA SER C 394 -31.56 37.99 40.46
C SER C 394 -32.54 37.33 41.43
N GLY C 395 -32.92 36.07 41.22
CA GLY C 395 -33.86 35.40 42.09
C GLY C 395 -33.32 34.32 43.00
N LEU C 396 -31.99 34.22 43.14
CA LEU C 396 -31.40 33.10 43.87
C LEU C 396 -31.87 33.08 45.32
N GLY C 397 -32.31 31.91 45.77
CA GLY C 397 -32.70 31.73 47.16
C GLY C 397 -31.50 31.54 48.05
N THR C 398 -31.63 30.67 49.05
CA THR C 398 -30.51 30.33 49.92
C THR C 398 -29.89 28.99 49.59
N ALA C 399 -30.67 28.05 49.05
CA ALA C 399 -30.15 26.75 48.69
C ALA C 399 -29.31 26.83 47.42
N PRO C 400 -28.27 26.00 47.30
CA PRO C 400 -27.44 26.04 46.09
C PRO C 400 -28.19 25.55 44.87
N LYS C 401 -27.93 26.20 43.74
CA LYS C 401 -28.51 25.82 42.46
C LYS C 401 -27.43 25.85 41.40
N THR C 402 -27.55 24.96 40.41
CA THR C 402 -26.54 24.77 39.38
C THR C 402 -27.08 25.26 38.04
N LEU C 403 -26.29 26.09 37.36
CA LEU C 403 -26.65 26.66 36.06
C LEU C 403 -25.77 26.06 34.97
N ILE C 404 -26.40 25.64 33.87
CA ILE C 404 -25.69 25.05 32.73
C ILE C 404 -25.71 26.06 31.60
N ILE C 405 -24.52 26.53 31.20
CA ILE C 405 -24.35 27.56 30.19
C ILE C 405 -23.57 26.97 29.03
N THR C 406 -24.10 27.14 27.81
CA THR C 406 -23.48 26.61 26.61
C THR C 406 -23.21 27.75 25.63
N ARG C 407 -21.98 27.84 25.15
CA ARG C 407 -21.55 28.90 24.23
C ARG C 407 -20.94 28.28 22.99
N THR C 408 -21.24 28.86 21.83
CA THR C 408 -20.73 28.36 20.56
C THR C 408 -20.46 29.53 19.61
N ALA C 409 -19.58 29.27 18.63
CA ALA C 409 -19.27 30.22 17.57
C ALA C 409 -19.12 29.45 16.27
N THR C 410 -19.18 30.20 15.16
CA THR C 410 -19.40 29.61 13.84
C THR C 410 -18.40 28.49 13.53
N ASN C 411 -17.10 28.78 13.66
CA ASN C 411 -16.08 27.78 13.41
C ASN C 411 -15.39 27.32 14.68
N ALA C 412 -15.97 27.62 15.85
CA ALA C 412 -15.37 27.30 17.12
C ALA C 412 -16.03 26.06 17.72
N THR C 413 -15.54 25.65 18.89
CA THR C 413 -16.00 24.45 19.56
C THR C 413 -17.02 24.79 20.63
N THR C 414 -18.16 24.12 20.59
CA THR C 414 -19.19 24.32 21.61
C THR C 414 -18.66 23.92 22.98
N THR C 415 -18.86 24.78 23.97
CA THR C 415 -18.36 24.58 25.33
C THR C 415 -19.50 24.80 26.32
N THR C 416 -19.59 23.90 27.31
CA THR C 416 -20.65 23.95 28.31
C THR C 416 -20.05 24.13 29.70
N HIS C 417 -20.58 25.10 30.45
CA HIS C 417 -20.15 25.38 31.81
C HIS C 417 -21.22 24.93 32.79
N LYS C 418 -20.80 24.26 33.86
CA LYS C 418 -21.65 24.00 35.01
C LYS C 418 -21.23 24.98 36.11
N VAL C 419 -22.10 25.94 36.40
CA VAL C 419 -21.81 26.98 37.38
C VAL C 419 -22.70 26.76 38.60
N ILE C 420 -22.07 26.56 39.75
CA ILE C 420 -22.77 26.34 41.01
C ILE C 420 -22.75 27.64 41.80
N PHE C 421 -23.94 28.18 42.05
CA PHE C 421 -24.09 29.42 42.81
C PHE C 421 -24.38 29.08 44.26
N SER C 422 -23.57 29.62 45.17
CA SER C 422 -23.68 29.33 46.58
C SER C 422 -23.66 30.62 47.38
N LYS C 423 -24.51 30.67 48.41
CA LYS C 423 -24.56 31.83 49.30
C LYS C 423 -23.36 31.81 50.24
N ALA C 424 -22.85 33.01 50.55
CA ALA C 424 -21.70 33.15 51.43
C ALA C 424 -22.10 32.89 52.89
C1 NAG D . -37.42 15.58 8.99
C2 NAG D . -37.96 16.82 9.69
C3 NAG D . -39.41 16.57 10.08
C4 NAG D . -40.17 16.26 8.81
C5 NAG D . -39.57 15.04 8.14
C6 NAG D . -40.38 14.73 6.89
C7 NAG D . -36.23 18.11 10.74
C8 NAG D . -36.67 19.48 11.15
N2 NAG D . -37.15 17.16 10.84
O3 NAG D . -39.93 17.73 10.71
O4 NAG D . -41.54 16.01 9.14
O5 NAG D . -38.20 15.31 7.82
O6 NAG D . -39.82 13.67 6.08
O7 NAG D . -35.10 17.88 10.32
C1 FUC D . -39.30 12.62 6.91
C2 FUC D . -39.64 11.27 6.28
C3 FUC D . -38.97 11.17 4.91
C4 FUC D . -37.48 11.35 5.09
C5 FUC D . -37.22 12.69 5.75
C6 FUC D . -35.74 12.95 6.02
O2 FUC D . -41.05 11.13 6.15
O3 FUC D . -39.26 9.89 4.34
O4 FUC D . -36.97 10.27 5.89
O5 FUC D . -37.89 12.74 7.01
C1 EDO E . 14.42 0.38 -25.67
O1 EDO E . 13.47 1.33 -26.16
C2 EDO E . 14.92 0.83 -24.32
O2 EDO E . 15.43 2.17 -24.47
C1 EDO F . 0.66 13.02 -1.41
O1 EDO F . -0.26 13.03 -2.50
C2 EDO F . 1.81 13.95 -1.74
O2 EDO F . 1.27 15.25 -2.00
C TRS G . 5.56 21.71 -16.94
C1 TRS G . 5.05 21.71 -15.50
C2 TRS G . 6.88 22.48 -17.02
C3 TRS G . 5.75 20.29 -17.43
N TRS G . 4.57 22.38 -17.80
O1 TRS G . 6.04 21.21 -14.63
O2 TRS G . 7.26 22.61 -18.38
O3 TRS G . 4.52 19.62 -17.42
C TRS H . 38.09 -17.30 -46.60
C1 TRS H . 39.08 -16.63 -47.54
C2 TRS H . 38.63 -18.67 -46.19
C3 TRS H . 37.86 -16.44 -45.37
N TRS H . 36.82 -17.49 -47.29
O1 TRS H . 40.31 -16.42 -46.86
O2 TRS H . 38.94 -19.43 -47.33
O3 TRS H . 39.07 -16.32 -44.65
C TRS I . 15.59 12.56 -5.07
C1 TRS I . 15.53 12.23 -3.58
C2 TRS I . 16.92 13.23 -5.39
C3 TRS I . 15.41 11.29 -5.89
N TRS I . 14.53 13.49 -5.40
O1 TRS I . 14.81 13.23 -2.91
O2 TRS I . 16.71 14.23 -6.36
O3 TRS I . 15.71 11.56 -7.24
C1 EDO J . 32.52 -13.68 -47.73
O1 EDO J . 33.03 -12.65 -46.87
C2 EDO J . 31.00 -13.65 -47.70
O2 EDO J . 30.56 -12.34 -48.08
C1 EDO K . 28.60 7.98 -17.43
O1 EDO K . 28.11 9.31 -17.57
C2 EDO K . 28.06 7.39 -16.13
O2 EDO K . 28.48 6.02 -16.02
C1 EDO L . -13.77 6.47 -7.33
O1 EDO L . -13.17 5.22 -6.93
C2 EDO L . -15.25 6.48 -6.96
O2 EDO L . -15.86 7.67 -7.48
C1 EDO M . 19.97 -11.58 -30.88
O1 EDO M . 21.38 -11.79 -30.83
C2 EDO M . 19.55 -10.64 -29.76
O2 EDO M . 20.33 -9.45 -29.85
C1 EDO N . 8.01 10.38 1.55
O1 EDO N . 9.03 9.51 2.07
C2 EDO N . 7.45 11.27 2.64
O2 EDO N . 6.15 11.73 2.27
C1 EDO O . 18.91 -15.30 8.83
O1 EDO O . 19.33 -16.32 7.90
C2 EDO O . 20.09 -14.40 9.16
O2 EDO O . 20.69 -13.95 7.94
C1 EDO P . -5.91 -26.72 -16.88
O1 EDO P . -6.28 -27.69 -17.87
C2 EDO P . -5.09 -25.64 -17.56
O2 EDO P . -5.80 -25.21 -18.72
C1 EDO Q . 18.28 -32.04 -22.20
O1 EDO Q . 19.07 -32.96 -22.95
C2 EDO Q . 18.28 -32.45 -20.73
O2 EDO Q . 19.62 -32.46 -20.23
C TRS R . 12.14 -5.01 7.49
C1 TRS R . 10.70 -4.55 7.67
C2 TRS R . 12.26 -6.50 7.75
C3 TRS R . 12.65 -4.69 6.09
N TRS R . 12.99 -4.30 8.44
O1 TRS R . 10.61 -3.16 7.45
O2 TRS R . 13.63 -6.83 7.84
O3 TRS R . 13.95 -5.20 5.98
C1 EDO S . 8.83 0.20 6.51
O1 EDO S . 8.54 1.60 6.67
C2 EDO S . 8.80 -0.49 7.86
O2 EDO S . 7.49 -0.39 8.44
C1 EDO T . 18.79 -12.82 -13.96
O1 EDO T . 18.31 -13.48 -15.13
C2 EDO T . 17.61 -12.26 -13.16
O2 EDO T . 16.81 -11.44 -14.01
C1 EDO U . 18.77 -20.80 -11.09
O1 EDO U . 18.16 -21.40 -9.94
C2 EDO U . 18.05 -21.26 -12.36
O2 EDO U . 18.43 -20.40 -13.44
C1 EDO V . 18.70 -13.13 -19.74
O1 EDO V . 17.52 -12.84 -20.51
C2 EDO V . 18.62 -12.43 -18.39
O2 EDO V . 17.46 -12.87 -17.67
C1 EDO W . 3.18 -17.82 5.81
O1 EDO W . 3.21 -18.68 6.96
C2 EDO W . 1.99 -16.88 5.90
O2 EDO W . 2.21 -15.87 6.89
C1 NAG X . -26.05 -10.85 22.17
C2 NAG X . -25.78 -9.37 22.39
C3 NAG X . -26.91 -8.74 23.18
C4 NAG X . -28.21 -9.03 22.49
C5 NAG X . -28.45 -10.53 22.45
C6 NAG X . -28.95 -10.98 21.07
C7 NAG X . -24.41 -9.10 24.37
C8 NAG X . -24.36 -10.40 25.14
N2 NAG X . -24.51 -9.21 23.05
O3 NAG X . -26.73 -7.32 23.31
O4 NAG X . -29.29 -8.39 23.17
O5 NAG X . -27.26 -11.25 22.83
O6 NAG X . -28.42 -10.11 20.07
O7 NAG X . -24.36 -8.03 24.94
C1 NAG Y . -13.76 27.05 33.00
C2 NAG Y . -12.61 27.52 32.11
C3 NAG Y . -11.82 28.62 32.79
C4 NAG Y . -12.76 29.71 33.27
C5 NAG Y . -13.89 29.12 34.11
C6 NAG Y . -14.87 30.21 34.53
C7 NAG Y . -11.93 25.63 30.76
C8 NAG Y . -10.89 24.58 30.53
N2 NAG Y . -11.74 26.40 31.82
O3 NAG Y . -10.88 29.17 31.87
O4 NAG Y . -12.03 30.66 34.06
O5 NAG Y . -14.58 28.16 33.33
O6 NAG Y . -15.31 30.92 33.38
O7 NAG Y . -12.88 25.78 30.00
C1 NAG Z . 0.73 5.25 17.29
C2 NAG Z . 2.06 4.80 17.89
C3 NAG Z . 2.85 6.00 18.41
C4 NAG Z . 2.96 7.05 17.31
C5 NAG Z . 1.58 7.38 16.77
C6 NAG Z . 1.67 8.42 15.67
C7 NAG Z . 1.54 4.15 20.19
C8 NAG Z . 2.37 3.48 21.23
N2 NAG Z . 1.83 3.82 18.93
O3 NAG Z . 4.16 5.58 18.80
O4 NAG Z . 3.57 8.23 17.83
O5 NAG Z . 0.98 6.20 16.27
O6 NAG Z . 2.16 7.79 14.47
O7 NAG Z . 0.65 4.93 20.46
C1 NAG AA . -41.16 21.48 37.13
C2 NAG AA . -42.57 21.97 36.82
C3 NAG AA . -43.04 23.02 37.82
C4 NAG AA . -42.70 22.64 39.24
C5 NAG AA . -41.24 22.22 39.34
C6 NAG AA . -40.87 21.85 40.77
C7 NAG AA . -43.71 22.76 34.84
C8 NAG AA . -43.81 24.09 34.17
N2 NAG AA . -42.57 22.52 35.48
O3 NAG AA . -44.46 23.16 37.71
O4 NAG AA . -42.92 23.76 40.11
O5 NAG AA . -41.05 21.11 38.50
O6 NAG AA . -39.63 21.15 40.77
O7 NAG AA . -44.61 21.94 34.80
C1 NAG BA . -37.81 3.93 -6.88
C2 NAG BA . -38.55 3.63 -5.57
C3 NAG BA . -39.37 4.82 -5.09
C4 NAG BA . -38.44 6.01 -4.95
C5 NAG BA . -37.79 6.30 -6.28
C6 NAG BA . -36.81 7.45 -6.16
C7 NAG BA . -38.99 1.29 -5.25
C8 NAG BA . -39.99 0.18 -5.31
N2 NAG BA . -39.38 2.46 -5.73
O3 NAG BA . -39.97 4.51 -3.83
O4 NAG BA . -39.18 7.14 -4.51
O5 NAG BA . -37.08 5.16 -6.76
O6 NAG BA . -37.52 8.66 -5.91
O7 NAG BA . -37.87 1.13 -4.78
C1 NAG CA . -25.55 32.75 11.55
C2 NAG CA . -24.82 32.26 10.31
C3 NAG CA . -25.74 32.21 9.10
C4 NAG CA . -26.98 31.41 9.45
C5 NAG CA . -27.62 32.00 10.70
C6 NAG CA . -28.87 31.22 11.06
C7 NAG CA . -22.59 32.66 9.51
C8 NAG CA . -21.64 33.69 8.97
N2 NAG CA . -23.71 33.14 10.03
O3 NAG CA . -25.07 31.59 8.01
O4 NAG CA . -27.91 31.44 8.37
O5 NAG CA . -26.70 31.93 11.77
O6 NAG CA . -29.51 31.87 12.16
O7 NAG CA . -22.36 31.47 9.46
C1 NAG DA . -13.75 41.28 28.70
C2 NAG DA . -12.59 41.26 29.70
C3 NAG DA . -13.07 40.72 31.06
C4 NAG DA . -14.30 41.48 31.53
C5 NAG DA . -15.38 41.47 30.46
C6 NAG DA . -16.60 42.27 30.82
C7 NAG DA . -10.59 40.90 28.33
C8 NAG DA . -9.51 39.93 27.93
N2 NAG DA . -11.48 40.46 29.21
O3 NAG DA . -12.02 40.85 32.01
O4 NAG DA . -14.81 40.86 32.72
O5 NAG DA . -14.86 42.03 29.25
O6 NAG DA . -16.26 43.60 31.21
O7 NAG DA . -10.65 42.04 27.85
C1 NAG EA . -39.52 -6.25 2.89
C2 NAG EA . -39.44 -7.26 1.74
C3 NAG EA . -40.81 -7.88 1.53
C4 NAG EA . -41.27 -8.51 2.83
C5 NAG EA . -41.27 -7.46 3.93
C6 NAG EA . -41.69 -8.06 5.27
C7 NAG EA . -37.73 -6.39 0.26
C8 NAG EA . -37.44 -5.43 -0.86
N2 NAG EA . -39.01 -6.61 0.52
O3 NAG EA . -40.74 -8.88 0.51
O4 NAG EA . -42.58 -9.05 2.65
O5 NAG EA . -39.97 -6.88 4.07
O6 NAG EA . -43.03 -8.57 5.18
O7 NAG EA . -36.83 -6.94 0.89
C1 NAG FA . -2.16 -23.77 19.79
C2 NAG FA . -1.32 -23.17 18.66
C3 NAG FA . -0.03 -23.94 18.49
C4 NAG FA . 0.72 -23.98 19.81
C5 NAG FA . -0.18 -24.54 20.91
C6 NAG FA . 0.51 -24.50 22.27
C7 NAG FA . -2.78 -22.21 17.02
C8 NAG FA . -3.58 -22.45 15.77
N2 NAG FA . -2.04 -23.24 17.41
O3 NAG FA . 0.79 -23.29 17.51
O4 NAG FA . 1.89 -24.79 19.67
O5 NAG FA . -1.39 -23.81 20.99
O6 NAG FA . 1.74 -25.23 22.21
O7 NAG FA . -2.80 -21.16 17.64
C1 EDO GA . 10.12 -0.67 17.93
O1 EDO GA . 10.81 -1.90 17.66
C2 EDO GA . 8.64 -0.89 17.61
O2 EDO GA . 8.54 -1.77 16.49
C1 EDO HA . -39.58 0.79 4.15
O1 EDO HA . -39.24 -0.22 5.10
C2 EDO HA . -38.38 1.67 3.90
O2 EDO HA . -38.75 2.74 3.01
C1 EDO IA . -19.29 4.53 -1.21
O1 EDO IA . -18.92 5.36 -2.31
C2 EDO IA . -18.58 5.06 0.03
O2 EDO IA . -17.16 5.12 -0.20
C1 EDO JA . -20.08 3.25 30.14
O1 EDO JA . -20.76 3.52 28.91
C2 EDO JA . -20.02 4.52 30.97
O2 EDO JA . -19.58 5.60 30.14
C1 EDO KA . -33.32 -7.03 5.29
O1 EDO KA . -33.50 -6.00 4.30
C2 EDO KA . -32.46 -8.13 4.69
O2 EDO KA . -31.27 -7.56 4.15
C1 EDO LA . -29.15 -5.60 14.76
O1 EDO LA . -29.32 -4.98 13.48
C2 EDO LA . -29.64 -4.65 15.85
O2 EDO LA . -31.02 -4.33 15.63
C1 EDO MA . -29.37 39.17 52.97
O1 EDO MA . -30.14 39.14 51.76
C2 EDO MA . -27.90 39.44 52.65
O2 EDO MA . -27.77 40.72 52.02
C1 EDO NA . -14.13 21.63 29.30
O1 EDO NA . -13.27 21.24 28.23
C2 EDO NA . -15.09 22.70 28.79
O2 EDO NA . -16.00 22.12 27.84
#